data_9H8S
#
_entry.id   9H8S
#
_cell.length_a   71.066
_cell.length_b   69.157
_cell.length_c   166.825
_cell.angle_alpha   90.00
_cell.angle_beta   90.00
_cell.angle_gamma   90.00
#
_symmetry.space_group_name_H-M   'P 21 21 21'
#
loop_
_entity.id
_entity.type
_entity.pdbx_description
1 polymer 'Cyclin-dependent kinase 8'
2 polymer Cyclin-C
3 non-polymer 'CHLORIDE ION'
4 non-polymer 1,2-ETHANEDIOL
5 non-polymer GLYCEROL
6 non-polymer 4-[(3~{S},5~{R})-3-[2-[(3~{R})-3-fluoranylpyrrolidin-1-yl]pyrimidin-4-yl]-5-methoxy-piperidin-1-yl]carbonyl-1~{H}-pyrrole-2-carbonitrile
7 non-polymer 'DIMETHYL SULFOXIDE'
8 water water
#
loop_
_entity_poly.entity_id
_entity_poly.type
_entity_poly.pdbx_seq_one_letter_code
_entity_poly.pdbx_strand_id
1 'polypeptide(L)'
;GPMDYKDDDDKMDYDFKVKLSSERERVEDLFEYEGCKVGRGTYGHVYKAKRKDGKDDKDYALKQIEGTGISMSACREIAL
LRELKHPNVISLQKVFLSHADRKVWLLFDYAEHDLWHIIKFHRASKANKKPVQLPRGMVKSLLYQILDGIHYLHANWVLH
RDLKPANILVMGEGPERGRVKIADMGFARLFNSPLKPLADLDPVVVTFWYRAPELLLGARHYTKAIDIWAIGCIFAELLT
SEPIFHCRQEDIKTSNPYHHDQLDRIFNVMGFPADKDWEDIKKMPEHSTLMKDFRRNTYTNCSLIKYMEKHKVKPDSKAF
HLLQKLLTMDPIKRITSEQAMQDPYFLEDPLPTSDVFAGCQIPYPKREFLTEEEPDDKGDKKNQQQQQGNNHTNGTGHPG
NQDSSHTQGPPLKK
;
A
2 'polypeptide(L)'
;GSGMKETAAAKFERQHMDSPDLGTDDDDKAMAGNFWQSSHYLQWILDKQDLLKERQKDLKFLSEEEYWKLQIFFTNVIQA
LGEHLKLRQQVIATATVYFKRFYARYSLKSIDPVLMAPTCVFLASKVEEFGVVSNTRLIAAATSVLKTRFSYAFPKEFPY
RMNHILECEFYLLELMDCCLIVYHPYRPLLQYVQDMGQEDMLLPLAWRIVNDTYRTDLCLLYPPFMIALACLHVACVVQQ
KDARQWFAELSVDMEKILEIIRVILKLYEQWKNFDERKEMATILSKMPKPKPPPNSEGEQGPNGSQNSSYSQS
;
B
#
loop_
_chem_comp.id
_chem_comp.type
_chem_comp.name
_chem_comp.formula
A1ITF non-polymer 4-[(3~{S},5~{R})-3-[2-[(3~{R})-3-fluoranylpyrrolidin-1-yl]pyrimidin-4-yl]-5-methoxy-piperidin-1-yl]carbonyl-1~{H}-pyrrole-2-carbonitrile 'C20 H23 F N6 O2'
CL non-polymer 'CHLORIDE ION' 'Cl -1'
DMS non-polymer 'DIMETHYL SULFOXIDE' 'C2 H6 O S'
EDO non-polymer 1,2-ETHANEDIOL 'C2 H6 O2'
GOL non-polymer GLYCEROL 'C3 H8 O3'
#
# COMPACT_ATOMS: atom_id res chain seq x y z
N MET A 12 -4.16 9.74 -27.79
CA MET A 12 -2.81 9.91 -27.27
C MET A 12 -1.94 10.57 -28.33
N ASP A 13 -1.16 11.58 -27.95
CA ASP A 13 -0.26 12.28 -28.85
C ASP A 13 0.81 11.31 -29.33
N TYR A 14 0.95 11.24 -30.65
CA TYR A 14 1.88 10.35 -31.32
C TYR A 14 3.34 10.62 -30.91
N ASP A 15 3.75 11.89 -30.90
CA ASP A 15 5.13 12.27 -30.51
C ASP A 15 5.44 11.88 -29.08
N PHE A 16 4.46 12.05 -28.21
CA PHE A 16 4.53 11.67 -26.82
C PHE A 16 4.68 10.14 -26.73
N LYS A 17 3.87 9.42 -27.49
CA LYS A 17 3.86 7.97 -27.51
C LYS A 17 5.18 7.34 -28.02
N VAL A 18 5.74 7.79 -29.16
CA VAL A 18 7.02 7.24 -29.67
C VAL A 18 8.20 7.60 -28.80
N LYS A 19 8.23 8.81 -28.21
CA LYS A 19 9.29 9.22 -27.29
C LYS A 19 9.26 8.29 -26.08
N LEU A 20 8.08 8.14 -25.44
CA LEU A 20 7.94 7.22 -24.30
C LEU A 20 8.34 5.80 -24.64
N SER A 21 7.92 5.31 -25.80
CA SER A 21 8.25 3.96 -26.22
C SER A 21 9.77 3.81 -26.43
N SER A 22 10.44 4.84 -26.98
CA SER A 22 11.89 4.86 -27.18
C SER A 22 12.64 4.85 -25.83
N GLU A 23 12.21 5.67 -24.88
CA GLU A 23 12.84 5.74 -23.57
C GLU A 23 12.46 4.56 -22.64
N ARG A 24 11.42 3.78 -22.97
CA ARG A 24 10.91 2.75 -22.08
C ARG A 24 11.82 1.54 -21.89
N GLU A 25 12.25 1.34 -20.65
CA GLU A 25 13.06 0.23 -20.19
C GLU A 25 12.21 -1.03 -20.20
N ARG A 26 12.61 -2.00 -20.99
CA ARG A 26 11.92 -3.25 -21.11
C ARG A 26 12.67 -4.29 -20.30
N VAL A 27 11.93 -5.09 -19.54
CA VAL A 27 12.47 -6.12 -18.67
C VAL A 27 13.24 -7.17 -19.46
N GLU A 28 12.74 -7.55 -20.64
CA GLU A 28 13.40 -8.56 -21.48
C GLU A 28 14.72 -8.06 -22.08
N ASP A 29 14.91 -6.74 -22.17
CA ASP A 29 16.15 -6.17 -22.66
C ASP A 29 17.16 -5.89 -21.53
N LEU A 30 16.66 -5.70 -20.30
CA LEU A 30 17.54 -5.39 -19.18
C LEU A 30 18.00 -6.59 -18.42
N PHE A 31 17.16 -7.63 -18.33
CA PHE A 31 17.50 -8.79 -17.53
C PHE A 31 17.46 -10.10 -18.27
N GLU A 32 18.35 -11.00 -17.87
CA GLU A 32 18.42 -12.36 -18.35
C GLU A 32 17.77 -13.21 -17.25
N TYR A 33 16.61 -13.78 -17.54
CA TYR A 33 15.85 -14.54 -16.55
C TYR A 33 15.16 -15.77 -17.13
N GLU A 34 15.06 -15.93 -18.46
CA GLU A 34 14.37 -17.10 -19.03
C GLU A 34 14.99 -18.41 -18.58
N GLY A 35 14.16 -19.28 -18.01
CA GLY A 35 14.60 -20.54 -17.42
C GLY A 35 15.00 -20.42 -15.96
N CYS A 36 14.99 -19.20 -15.40
CA CYS A 36 15.43 -18.96 -14.04
C CYS A 36 14.30 -18.74 -13.06
N LYS A 37 13.11 -19.30 -13.33
CA LYS A 37 12.01 -19.16 -12.37
C LYS A 37 12.32 -19.97 -11.12
N VAL A 38 12.19 -19.36 -9.95
CA VAL A 38 12.39 -19.97 -8.62
C VAL A 38 11.07 -20.00 -7.81
N GLY A 39 10.04 -19.26 -8.25
CA GLY A 39 8.77 -19.22 -7.56
C GLY A 39 7.59 -19.03 -8.50
N ARG A 40 6.49 -19.70 -8.18
CA ARG A 40 5.25 -19.59 -8.93
C ARG A 40 4.14 -19.77 -7.91
N GLY A 41 3.24 -18.80 -7.82
CA GLY A 41 2.12 -18.83 -6.90
C GLY A 41 1.08 -17.78 -7.24
N THR A 42 0.20 -17.43 -6.29
CA THR A 42 -0.82 -16.40 -6.55
C THR A 42 -0.22 -15.00 -6.72
N TYR A 43 1.02 -14.80 -6.26
CA TYR A 43 1.79 -13.58 -6.44
C TYR A 43 2.26 -13.41 -7.89
N GLY A 44 2.41 -14.53 -8.61
CA GLY A 44 2.86 -14.52 -9.99
C GLY A 44 4.04 -15.43 -10.21
N HIS A 45 5.10 -14.90 -10.85
CA HIS A 45 6.29 -15.70 -11.14
C HIS A 45 7.54 -14.95 -10.69
N VAL A 46 8.40 -15.58 -9.91
CA VAL A 46 9.63 -14.97 -9.43
C VAL A 46 10.79 -15.65 -10.08
N TYR A 47 11.70 -14.86 -10.64
CA TYR A 47 12.89 -15.32 -11.34
C TYR A 47 14.13 -14.77 -10.68
N LYS A 48 15.22 -15.53 -10.79
CA LYS A 48 16.54 -15.10 -10.39
C LYS A 48 17.09 -14.52 -11.67
N ALA A 49 17.33 -13.21 -11.70
CA ALA A 49 17.75 -12.54 -12.91
C ALA A 49 19.14 -11.90 -12.83
N LYS A 50 19.79 -11.71 -13.97
CA LYS A 50 21.08 -11.03 -14.06
C LYS A 50 20.91 -9.86 -15.02
N ARG A 51 21.71 -8.80 -14.87
CA ARG A 51 21.65 -7.68 -15.81
C ARG A 51 22.35 -8.08 -17.11
N LYS A 52 21.74 -7.75 -18.24
CA LYS A 52 22.28 -8.05 -19.54
C LYS A 52 23.43 -7.10 -19.87
N ASP A 53 23.34 -5.81 -19.45
CA ASP A 53 24.42 -4.85 -19.67
C ASP A 53 25.70 -5.15 -18.86
N GLY A 54 25.63 -6.11 -17.95
CA GLY A 54 26.75 -6.60 -17.15
C GLY A 54 27.54 -5.63 -16.29
N LYS A 55 26.98 -4.43 -16.00
CA LYS A 55 27.71 -3.49 -15.13
C LYS A 55 27.67 -3.87 -13.65
N ASP A 56 26.88 -4.90 -13.30
CA ASP A 56 26.75 -5.51 -11.97
C ASP A 56 26.87 -7.02 -12.16
N ASP A 57 27.44 -7.71 -11.17
CA ASP A 57 27.45 -9.18 -11.17
C ASP A 57 26.40 -9.74 -10.15
N LYS A 58 25.60 -8.84 -9.51
CA LYS A 58 24.61 -9.17 -8.51
C LYS A 58 23.49 -9.99 -9.09
N ASP A 59 22.88 -10.83 -8.24
CA ASP A 59 21.70 -11.57 -8.62
C ASP A 59 20.50 -10.70 -8.24
N TYR A 60 19.45 -10.71 -9.06
CA TYR A 60 18.25 -9.94 -8.78
C TYR A 60 17.02 -10.86 -8.71
N ALA A 61 15.96 -10.40 -8.07
CA ALA A 61 14.70 -11.13 -8.03
C ALA A 61 13.74 -10.32 -8.88
N LEU A 62 13.21 -10.96 -9.90
CA LEU A 62 12.28 -10.32 -10.82
C LEU A 62 10.94 -10.98 -10.65
N LYS A 63 9.89 -10.21 -10.40
CA LYS A 63 8.58 -10.79 -10.25
C LYS A 63 7.65 -10.32 -11.33
N GLN A 64 7.02 -11.24 -12.07
CA GLN A 64 5.98 -10.86 -13.01
C GLN A 64 4.71 -11.07 -12.19
N ILE A 65 4.02 -9.98 -11.84
CA ILE A 65 2.79 -10.06 -11.06
C ILE A 65 1.73 -10.90 -11.78
N GLU A 66 0.93 -11.63 -11.03
CA GLU A 66 -0.13 -12.48 -11.56
C GLU A 66 -1.20 -11.64 -12.27
N GLY A 67 -1.61 -12.10 -13.45
CA GLY A 67 -2.65 -11.47 -14.25
C GLY A 67 -2.20 -10.28 -15.06
N THR A 68 -3.09 -9.73 -15.86
CA THR A 68 -2.78 -8.56 -16.66
C THR A 68 -3.33 -7.30 -15.98
N GLY A 69 -2.73 -6.18 -16.32
CA GLY A 69 -3.09 -4.90 -15.79
C GLY A 69 -2.64 -4.72 -14.36
N ILE A 70 -3.30 -3.82 -13.66
CA ILE A 70 -2.98 -3.54 -12.28
C ILE A 70 -4.14 -3.99 -11.45
N SER A 71 -4.02 -5.19 -10.88
CA SER A 71 -5.04 -5.77 -10.04
C SER A 71 -4.96 -5.09 -8.66
N MET A 72 -5.91 -5.37 -7.76
CA MET A 72 -5.86 -4.86 -6.38
C MET A 72 -4.57 -5.32 -5.70
N SER A 73 -4.21 -6.57 -5.92
CA SER A 73 -3.01 -7.16 -5.38
C SER A 73 -1.75 -6.40 -5.87
N ALA A 74 -1.59 -6.23 -7.20
CA ALA A 74 -0.44 -5.52 -7.79
C ALA A 74 -0.39 -4.07 -7.32
N CYS A 75 -1.55 -3.44 -7.27
CA CYS A 75 -1.70 -2.08 -6.82
C CYS A 75 -1.19 -1.88 -5.39
N ARG A 76 -1.58 -2.74 -4.43
CA ARG A 76 -1.15 -2.66 -3.04
C ARG A 76 0.35 -2.90 -2.90
N GLU A 77 0.88 -3.90 -3.63
CA GLU A 77 2.29 -4.24 -3.60
C GLU A 77 3.16 -3.05 -4.10
N ILE A 78 2.78 -2.44 -5.24
CA ILE A 78 3.48 -1.28 -5.78
C ILE A 78 3.29 -0.07 -4.88
N ALA A 79 2.02 0.27 -4.48
CA ALA A 79 1.75 1.44 -3.64
C ALA A 79 2.51 1.40 -2.34
N LEU A 80 2.52 0.25 -1.66
CA LEU A 80 3.19 0.11 -0.38
C LEU A 80 4.72 0.01 -0.50
N LEU A 81 5.26 -0.87 -1.37
CA LEU A 81 6.73 -0.99 -1.49
C LEU A 81 7.43 0.26 -2.05
N ARG A 82 6.66 1.12 -2.73
CA ARG A 82 7.13 2.39 -3.25
C ARG A 82 7.42 3.38 -2.08
N GLU A 83 6.79 3.17 -0.88
CA GLU A 83 6.97 4.01 0.30
C GLU A 83 7.81 3.36 1.41
N LEU A 84 7.62 2.08 1.65
CA LEU A 84 8.29 1.36 2.72
C LEU A 84 9.80 1.29 2.56
N LYS A 85 10.53 1.71 3.61
CA LYS A 85 11.98 1.62 3.64
C LYS A 85 12.44 1.13 5.02
N HIS A 86 12.81 -0.15 5.10
CA HIS A 86 13.29 -0.77 6.34
C HIS A 86 14.22 -1.93 5.98
N PRO A 87 15.31 -2.16 6.75
CA PRO A 87 16.24 -3.25 6.41
C PRO A 87 15.63 -4.65 6.41
N ASN A 88 14.51 -4.84 7.12
CA ASN A 88 13.88 -6.14 7.18
C ASN A 88 12.64 -6.26 6.29
N VAL A 89 12.45 -5.33 5.35
CA VAL A 89 11.35 -5.42 4.40
C VAL A 89 12.03 -5.40 3.04
N ILE A 90 11.68 -6.34 2.13
CA ILE A 90 12.25 -6.38 0.78
C ILE A 90 12.08 -5.03 0.09
N SER A 91 13.14 -4.52 -0.51
CA SER A 91 13.14 -3.20 -1.12
C SER A 91 12.85 -3.26 -2.61
N LEU A 92 11.84 -2.48 -3.06
CA LEU A 92 11.47 -2.38 -4.47
C LEU A 92 12.42 -1.45 -5.23
N GLN A 93 13.18 -2.01 -6.19
CA GLN A 93 14.11 -1.22 -6.97
C GLN A 93 13.42 -0.55 -8.14
N LYS A 94 12.67 -1.32 -8.94
CA LYS A 94 12.09 -0.82 -10.17
C LYS A 94 10.82 -1.52 -10.53
N VAL A 95 9.96 -0.81 -11.27
CA VAL A 95 8.73 -1.33 -11.81
C VAL A 95 8.83 -1.19 -13.33
N PHE A 96 8.55 -2.26 -14.07
CA PHE A 96 8.54 -2.26 -15.52
C PHE A 96 7.12 -2.57 -15.95
N LEU A 97 6.53 -1.72 -16.80
CA LEU A 97 5.17 -1.94 -17.26
C LEU A 97 5.23 -2.33 -18.71
N SER A 98 5.00 -3.60 -19.00
CA SER A 98 5.05 -4.13 -20.34
C SER A 98 3.73 -3.84 -21.03
N HIS A 99 3.72 -2.83 -21.93
CA HIS A 99 2.47 -2.38 -22.55
C HIS A 99 1.79 -3.39 -23.47
N ALA A 100 2.54 -4.15 -24.30
CA ALA A 100 1.91 -5.12 -25.21
C ALA A 100 1.07 -6.20 -24.51
N ASP A 101 1.63 -6.86 -23.48
CA ASP A 101 0.89 -7.91 -22.76
C ASP A 101 0.25 -7.45 -21.45
N ARG A 102 0.39 -6.15 -21.10
CA ARG A 102 -0.13 -5.57 -19.86
C ARG A 102 0.39 -6.31 -18.63
N LYS A 103 1.68 -6.64 -18.60
CA LYS A 103 2.27 -7.35 -17.47
C LYS A 103 3.10 -6.41 -16.62
N VAL A 104 3.08 -6.58 -15.30
CA VAL A 104 3.85 -5.72 -14.41
C VAL A 104 4.99 -6.51 -13.80
N TRP A 105 6.20 -5.97 -13.93
CA TRP A 105 7.38 -6.63 -13.36
C TRP A 105 7.94 -5.78 -12.24
N LEU A 106 8.37 -6.43 -11.15
CA LEU A 106 8.97 -5.76 -10.01
C LEU A 106 10.38 -6.29 -9.78
N LEU A 107 11.32 -5.39 -9.51
CA LEU A 107 12.70 -5.76 -9.32
C LEU A 107 13.07 -5.56 -7.87
N PHE A 108 13.81 -6.52 -7.32
CA PHE A 108 14.31 -6.53 -5.95
C PHE A 108 15.72 -7.14 -5.98
N ASP A 109 16.42 -7.09 -4.85
CA ASP A 109 17.64 -7.84 -4.66
C ASP A 109 17.21 -9.32 -4.52
N TYR A 110 18.09 -10.24 -4.86
CA TYR A 110 17.77 -11.66 -4.77
C TYR A 110 18.17 -12.18 -3.42
N ALA A 111 17.23 -12.78 -2.68
CA ALA A 111 17.50 -13.40 -1.42
C ALA A 111 17.61 -14.88 -1.74
N GLU A 112 18.77 -15.46 -1.56
CA GLU A 112 19.02 -16.87 -1.83
C GLU A 112 18.16 -17.78 -0.95
N HIS A 113 17.82 -17.31 0.26
CA HIS A 113 17.10 -18.13 1.21
C HIS A 113 15.72 -17.61 1.59
N ASP A 114 14.91 -18.48 2.15
CA ASP A 114 13.63 -18.11 2.76
C ASP A 114 13.41 -19.12 3.86
N LEU A 115 12.50 -18.80 4.79
CA LEU A 115 12.24 -19.68 5.92
C LEU A 115 11.58 -20.99 5.53
N TRP A 116 10.84 -21.05 4.42
CA TRP A 116 10.23 -22.31 3.97
C TRP A 116 11.33 -23.32 3.65
N HIS A 117 12.39 -22.89 2.93
CA HIS A 117 13.49 -23.78 2.55
C HIS A 117 14.39 -24.11 3.71
N ILE A 118 14.72 -23.11 4.55
CA ILE A 118 15.58 -23.32 5.71
C ILE A 118 14.91 -24.32 6.66
N ILE A 119 13.61 -24.11 6.94
CA ILE A 119 12.87 -25.02 7.81
C ILE A 119 12.78 -26.41 7.18
N LYS A 120 12.49 -26.49 5.87
CA LYS A 120 12.42 -27.77 5.17
C LYS A 120 13.76 -28.51 5.25
N PHE A 121 14.88 -27.80 5.24
CA PHE A 121 16.20 -28.40 5.36
C PHE A 121 16.39 -29.05 6.73
N HIS A 122 16.00 -28.35 7.81
CA HIS A 122 16.11 -28.92 9.15
C HIS A 122 15.13 -30.08 9.35
N ARG A 123 13.91 -29.96 8.82
CA ARG A 123 12.88 -31.00 8.92
C ARG A 123 13.37 -32.28 8.23
N ALA A 124 13.94 -32.15 7.01
CA ALA A 124 14.47 -33.30 6.27
C ALA A 124 15.67 -33.94 6.95
N SER A 125 16.40 -33.18 7.77
CA SER A 125 17.57 -33.69 8.50
C SER A 125 17.11 -34.60 9.64
N LYS A 126 16.14 -34.16 10.47
CA LYS A 126 15.58 -34.98 11.55
C LYS A 126 15.05 -36.33 11.05
N ALA A 127 14.58 -36.36 9.79
CA ALA A 127 14.07 -37.56 9.15
C ALA A 127 15.21 -38.51 8.79
N ASN A 128 16.33 -37.97 8.28
CA ASN A 128 17.49 -38.76 7.89
C ASN A 128 18.55 -38.85 8.99
N LEU A 134 21.66 -25.51 13.38
CA LEU A 134 21.53 -24.05 13.41
C LEU A 134 22.57 -23.44 14.34
N PRO A 135 23.15 -22.27 14.02
CA PRO A 135 23.97 -21.57 15.04
C PRO A 135 23.09 -21.21 16.26
N ARG A 136 23.72 -20.94 17.41
CA ARG A 136 23.04 -20.67 18.69
C ARG A 136 21.85 -19.66 18.64
N GLY A 137 22.09 -18.47 18.14
CA GLY A 137 21.05 -17.44 18.09
C GLY A 137 20.40 -17.25 16.74
N MET A 138 20.47 -18.25 15.83
CA MET A 138 19.87 -18.11 14.51
C MET A 138 18.35 -17.90 14.56
N VAL A 139 17.64 -18.73 15.32
CA VAL A 139 16.20 -18.68 15.50
C VAL A 139 15.82 -17.36 16.18
N LYS A 140 16.53 -16.99 17.25
CA LYS A 140 16.29 -15.75 17.97
C LYS A 140 16.47 -14.55 17.05
N SER A 141 17.53 -14.56 16.23
CA SER A 141 17.84 -13.47 15.32
C SER A 141 16.82 -13.36 14.21
N LEU A 142 16.35 -14.51 13.69
CA LEU A 142 15.31 -14.55 12.67
C LEU A 142 14.02 -13.94 13.25
N LEU A 143 13.65 -14.34 14.48
CA LEU A 143 12.45 -13.82 15.15
C LEU A 143 12.59 -12.32 15.42
N TYR A 144 13.74 -11.86 15.93
CA TYR A 144 13.97 -10.44 16.18
C TYR A 144 13.83 -9.63 14.91
N GLN A 145 14.39 -10.13 13.81
CA GLN A 145 14.32 -9.42 12.53
C GLN A 145 12.91 -9.42 11.94
N ILE A 146 12.16 -10.54 12.07
CA ILE A 146 10.78 -10.59 11.61
C ILE A 146 9.95 -9.56 12.41
N LEU A 147 10.16 -9.51 13.73
CA LEU A 147 9.48 -8.59 14.63
C LEU A 147 9.79 -7.16 14.31
N ASP A 148 11.07 -6.85 13.99
CA ASP A 148 11.53 -5.51 13.58
C ASP A 148 10.86 -5.05 12.27
N GLY A 149 10.79 -5.92 11.26
CA GLY A 149 10.16 -5.57 9.99
C GLY A 149 8.65 -5.43 10.12
N ILE A 150 8.00 -6.31 10.91
CA ILE A 150 6.56 -6.26 11.14
C ILE A 150 6.18 -5.03 11.97
N HIS A 151 7.01 -4.69 12.95
CA HIS A 151 6.79 -3.49 13.77
C HIS A 151 6.86 -2.25 12.92
N TYR A 152 7.79 -2.21 11.93
CA TYR A 152 7.90 -1.07 11.04
C TYR A 152 6.62 -0.96 10.18
N LEU A 153 6.15 -2.10 9.62
CA LEU A 153 4.93 -2.14 8.84
C LEU A 153 3.74 -1.64 9.69
N HIS A 154 3.56 -2.21 10.90
CA HIS A 154 2.47 -1.88 11.81
C HIS A 154 2.54 -0.44 12.29
N ALA A 155 3.73 0.09 12.54
CA ALA A 155 3.87 1.51 12.93
C ALA A 155 3.38 2.43 11.78
N ASN A 156 3.44 1.93 10.54
CA ASN A 156 2.96 2.64 9.36
C ASN A 156 1.56 2.22 8.95
N TRP A 157 0.81 1.51 9.82
CA TRP A 157 -0.54 1.01 9.61
C TRP A 157 -0.65 0.04 8.43
N VAL A 158 0.40 -0.73 8.20
CA VAL A 158 0.41 -1.72 7.15
C VAL A 158 0.34 -3.10 7.76
N LEU A 159 -0.71 -3.83 7.43
CA LEU A 159 -0.80 -5.22 7.85
C LEU A 159 -0.24 -6.07 6.71
N HIS A 160 0.48 -7.12 7.03
CA HIS A 160 0.99 -8.03 6.01
C HIS A 160 -0.20 -8.86 5.54
N ARG A 161 -0.94 -9.48 6.48
CA ARG A 161 -2.14 -10.31 6.25
C ARG A 161 -1.85 -11.74 5.77
N ASP A 162 -0.59 -12.09 5.49
CA ASP A 162 -0.30 -13.43 4.99
C ASP A 162 1.09 -13.93 5.35
N LEU A 163 1.61 -13.55 6.53
CA LEU A 163 2.92 -14.00 6.94
C LEU A 163 3.04 -15.50 7.00
N LYS A 164 4.06 -16.02 6.37
CA LYS A 164 4.35 -17.45 6.39
C LYS A 164 5.83 -17.62 6.11
N PRO A 165 6.43 -18.76 6.49
CA PRO A 165 7.87 -18.96 6.22
C PRO A 165 8.30 -18.64 4.78
N ALA A 166 7.48 -19.00 3.78
CA ALA A 166 7.82 -18.75 2.38
C ALA A 166 8.03 -17.27 2.00
N ASN A 167 7.30 -16.32 2.63
CA ASN A 167 7.52 -14.90 2.31
C ASN A 167 8.45 -14.20 3.33
N ILE A 168 9.20 -14.98 4.13
CA ILE A 168 10.20 -14.41 5.03
C ILE A 168 11.53 -14.83 4.39
N LEU A 169 12.04 -13.98 3.54
CA LEU A 169 13.30 -14.21 2.84
C LEU A 169 14.49 -13.90 3.73
N VAL A 170 15.65 -14.50 3.44
CA VAL A 170 16.87 -14.26 4.20
C VAL A 170 17.99 -14.13 3.15
N MET A 171 18.73 -13.02 3.19
CA MET A 171 19.79 -12.81 2.21
C MET A 171 20.93 -13.82 2.36
N GLY A 172 21.48 -14.23 1.23
CA GLY A 172 22.63 -15.13 1.22
C GLY A 172 23.93 -14.34 1.22
N GLU A 173 25.03 -14.94 0.74
CA GLU A 173 26.34 -14.25 0.70
C GLU A 173 26.28 -12.90 0.04
N GLY A 174 26.95 -11.92 0.65
CA GLY A 174 26.99 -10.56 0.15
C GLY A 174 27.02 -9.54 1.27
N PRO A 175 26.77 -8.27 0.94
CA PRO A 175 26.80 -7.21 1.96
C PRO A 175 25.68 -7.26 3.01
N GLU A 176 24.60 -8.05 2.75
CA GLU A 176 23.47 -8.18 3.68
C GLU A 176 23.27 -9.63 4.14
N ARG A 177 24.34 -10.39 4.21
CA ARG A 177 24.35 -11.79 4.62
C ARG A 177 23.51 -12.05 5.89
N GLY A 178 22.56 -12.97 5.78
CA GLY A 178 21.69 -13.36 6.88
C GLY A 178 20.73 -12.30 7.37
N ARG A 179 20.31 -11.38 6.50
CA ARG A 179 19.36 -10.36 6.89
C ARG A 179 17.99 -10.79 6.43
N VAL A 180 17.02 -10.80 7.32
CA VAL A 180 15.64 -11.16 6.98
C VAL A 180 15.04 -10.04 6.13
N LYS A 181 14.31 -10.41 5.09
CA LYS A 181 13.58 -9.51 4.21
C LYS A 181 12.16 -10.04 4.14
N ILE A 182 11.21 -9.31 4.71
CA ILE A 182 9.82 -9.66 4.67
C ILE A 182 9.34 -9.31 3.26
N ALA A 183 8.70 -10.27 2.60
CA ALA A 183 8.25 -10.11 1.23
C ALA A 183 6.73 -10.25 1.10
N ASP A 184 6.18 -9.79 -0.03
CA ASP A 184 4.79 -9.92 -0.43
C ASP A 184 3.81 -9.00 0.29
N MET A 185 3.70 -7.75 -0.13
CA MET A 185 2.67 -6.83 0.37
C MET A 185 1.39 -6.88 -0.51
N GLY A 186 1.29 -7.86 -1.41
CA GLY A 186 0.19 -7.90 -2.35
C GLY A 186 -1.08 -8.60 -1.91
N PHE A 187 -1.19 -8.93 -0.62
CA PHE A 187 -2.42 -9.56 -0.14
C PHE A 187 -3.46 -8.46 0.08
N ALA A 188 -4.06 -7.98 -1.01
CA ALA A 188 -5.06 -6.91 -0.93
C ALA A 188 -6.42 -7.53 -0.64
N ARG A 189 -7.18 -6.87 0.26
CA ARG A 189 -8.50 -7.34 0.66
C ARG A 189 -9.57 -6.24 0.58
N THR A 207 -3.12 -23.53 2.59
CA THR A 207 -3.32 -23.99 3.97
C THR A 207 -3.60 -22.83 4.93
N PHE A 208 -4.19 -23.12 6.10
CA PHE A 208 -4.51 -22.09 7.09
C PHE A 208 -3.67 -22.21 8.38
N TRP A 209 -2.52 -22.92 8.32
CA TRP A 209 -1.63 -23.15 9.47
C TRP A 209 -1.17 -21.91 10.19
N TYR A 210 -1.18 -20.77 9.52
CA TYR A 210 -0.71 -19.51 10.09
C TYR A 210 -1.85 -18.53 10.37
N ARG A 211 -3.11 -18.94 10.15
CA ARG A 211 -4.28 -18.12 10.36
C ARG A 211 -4.74 -18.12 11.80
N ALA A 212 -4.80 -16.92 12.41
CA ALA A 212 -5.25 -16.71 13.78
C ALA A 212 -6.64 -17.30 13.97
N PRO A 213 -7.00 -17.80 15.17
CA PRO A 213 -8.33 -18.40 15.35
C PRO A 213 -9.51 -17.45 15.15
N GLU A 214 -9.36 -16.14 15.42
CA GLU A 214 -10.46 -15.19 15.15
C GLU A 214 -10.82 -15.19 13.64
N LEU A 215 -9.83 -15.34 12.75
CA LEU A 215 -10.10 -15.44 11.31
C LEU A 215 -10.91 -16.70 11.03
N LEU A 216 -10.59 -17.82 11.69
CA LEU A 216 -11.32 -19.07 11.50
C LEU A 216 -12.74 -19.04 12.08
N LEU A 217 -13.05 -18.08 12.94
CA LEU A 217 -14.36 -17.91 13.54
C LEU A 217 -15.17 -16.74 12.92
N GLY A 218 -14.76 -16.24 11.77
CA GLY A 218 -15.50 -15.21 11.06
C GLY A 218 -15.15 -13.77 11.30
N ALA A 219 -13.95 -13.44 11.84
CA ALA A 219 -13.55 -12.04 12.01
C ALA A 219 -13.59 -11.31 10.67
N ARG A 220 -14.23 -10.14 10.64
CA ARG A 220 -14.49 -9.38 9.42
C ARG A 220 -13.34 -8.49 8.97
N HIS A 221 -12.30 -8.33 9.80
CA HIS A 221 -11.19 -7.46 9.42
C HIS A 221 -9.84 -8.03 9.80
N TYR A 222 -8.82 -7.66 9.04
CA TYR A 222 -7.46 -8.01 9.39
C TYR A 222 -6.99 -6.99 10.41
N THR A 223 -6.20 -7.46 11.38
CA THR A 223 -5.67 -6.61 12.45
C THR A 223 -4.15 -6.88 12.59
N LYS A 224 -3.46 -6.08 13.42
CA LYS A 224 -2.07 -6.30 13.73
C LYS A 224 -1.90 -7.64 14.47
N ALA A 225 -2.87 -7.99 15.32
CA ALA A 225 -2.87 -9.23 16.11
C ALA A 225 -2.83 -10.48 15.24
N ILE A 226 -3.43 -10.42 14.05
CA ILE A 226 -3.44 -11.54 13.11
C ILE A 226 -2.01 -11.81 12.60
N ASP A 227 -1.23 -10.73 12.36
CA ASP A 227 0.16 -10.86 11.93
C ASP A 227 0.99 -11.43 13.07
N ILE A 228 0.75 -10.96 14.32
CA ILE A 228 1.44 -11.43 15.52
C ILE A 228 1.25 -12.93 15.75
N TRP A 229 0.02 -13.44 15.57
CA TRP A 229 -0.26 -14.89 15.66
C TRP A 229 0.60 -15.65 14.63
N ALA A 230 0.68 -15.14 13.39
CA ALA A 230 1.46 -15.78 12.33
C ALA A 230 2.94 -15.83 12.69
N ILE A 231 3.46 -14.76 13.33
CA ILE A 231 4.85 -14.72 13.80
C ILE A 231 5.07 -15.76 14.90
N GLY A 232 4.06 -15.96 15.76
CA GLY A 232 4.10 -16.99 16.78
C GLY A 232 4.15 -18.37 16.15
N CYS A 233 3.38 -18.61 15.07
CA CYS A 233 3.44 -19.92 14.38
C CYS A 233 4.82 -20.15 13.81
N ILE A 234 5.42 -19.10 13.21
CA ILE A 234 6.73 -19.20 12.60
C ILE A 234 7.79 -19.48 13.66
N PHE A 235 7.76 -18.75 14.80
CA PHE A 235 8.69 -18.92 15.91
C PHE A 235 8.67 -20.36 16.41
N ALA A 236 7.50 -20.91 16.71
CA ALA A 236 7.33 -22.32 17.12
C ALA A 236 7.92 -23.27 16.07
N GLU A 237 7.66 -23.01 14.78
CA GLU A 237 8.17 -23.84 13.71
C GLU A 237 9.71 -23.74 13.60
N LEU A 238 10.30 -22.58 13.90
CA LEU A 238 11.76 -22.42 13.89
C LEU A 238 12.38 -23.25 15.03
N LEU A 239 11.72 -23.28 16.20
CA LEU A 239 12.19 -24.05 17.34
C LEU A 239 12.04 -25.57 17.18
N THR A 240 11.00 -26.06 16.48
CA THR A 240 10.73 -27.50 16.38
C THR A 240 10.92 -28.15 15.00
N SER A 241 10.96 -27.32 13.95
CA SER A 241 11.02 -27.68 12.52
C SER A 241 9.71 -28.20 11.95
N GLU A 242 8.62 -28.09 12.72
CA GLU A 242 7.31 -28.62 12.38
C GLU A 242 6.32 -27.47 12.44
N PRO A 243 5.35 -27.41 11.52
CA PRO A 243 4.32 -26.37 11.62
C PRO A 243 3.45 -26.69 12.81
N ILE A 244 3.42 -25.78 13.80
CA ILE A 244 2.70 -26.04 15.04
C ILE A 244 1.22 -26.38 14.81
N PHE A 245 0.57 -25.68 13.88
CA PHE A 245 -0.84 -25.94 13.61
C PHE A 245 -1.03 -26.66 12.27
N HIS A 246 -0.11 -27.63 11.98
CA HIS A 246 -0.19 -28.44 10.78
C HIS A 246 -1.53 -29.16 10.72
N CYS A 247 -2.13 -29.21 9.55
CA CYS A 247 -3.47 -29.70 9.39
C CYS A 247 -3.66 -30.22 7.95
N ARG A 248 -4.59 -31.17 7.74
CA ARG A 248 -4.87 -31.67 6.40
C ARG A 248 -5.59 -30.63 5.54
N GLN A 249 -5.43 -30.75 4.21
CA GLN A 249 -6.04 -29.87 3.21
C GLN A 249 -7.58 -29.86 3.30
N SER A 255 -14.28 -20.99 0.79
CA SER A 255 -15.22 -19.87 0.74
C SER A 255 -15.68 -19.50 2.15
N ASN A 256 -16.06 -20.52 2.94
CA ASN A 256 -16.53 -20.42 4.31
C ASN A 256 -15.33 -20.05 5.19
N PRO A 257 -15.41 -18.99 6.02
CA PRO A 257 -14.25 -18.65 6.89
C PRO A 257 -13.99 -19.73 7.96
N TYR A 258 -15.06 -20.39 8.41
CA TYR A 258 -15.00 -21.45 9.40
C TYR A 258 -14.38 -22.73 8.86
N HIS A 259 -13.30 -23.20 9.51
CA HIS A 259 -12.58 -24.41 9.15
C HIS A 259 -12.39 -25.29 10.38
N HIS A 260 -13.17 -26.38 10.44
CA HIS A 260 -13.21 -27.32 11.55
C HIS A 260 -11.85 -27.94 11.94
N ASP A 261 -11.19 -28.63 11.00
CA ASP A 261 -9.93 -29.32 11.27
C ASP A 261 -8.81 -28.38 11.70
N GLN A 262 -8.75 -27.19 11.08
CA GLN A 262 -7.74 -26.23 11.47
C GLN A 262 -7.95 -25.78 12.95
N LEU A 263 -9.20 -25.49 13.34
CA LEU A 263 -9.51 -25.10 14.73
C LEU A 263 -9.23 -26.25 15.67
N ASP A 264 -9.60 -27.47 15.27
CA ASP A 264 -9.34 -28.68 16.03
C ASP A 264 -7.83 -28.85 16.30
N ARG A 265 -6.98 -28.59 15.32
CA ARG A 265 -5.51 -28.68 15.48
C ARG A 265 -5.02 -27.61 16.49
N ILE A 266 -5.57 -26.41 16.42
CA ILE A 266 -5.24 -25.35 17.36
C ILE A 266 -5.64 -25.75 18.79
N PHE A 267 -6.85 -26.34 18.98
CA PHE A 267 -7.27 -26.78 20.31
C PHE A 267 -6.45 -27.97 20.78
N ASN A 268 -6.06 -28.87 19.87
CA ASN A 268 -5.20 -29.99 20.22
C ASN A 268 -3.84 -29.50 20.73
N VAL A 269 -3.34 -28.37 20.22
CA VAL A 269 -2.08 -27.81 20.67
C VAL A 269 -2.23 -26.89 21.91
N MET A 270 -3.09 -25.88 21.81
CA MET A 270 -3.26 -24.86 22.82
C MET A 270 -4.21 -25.20 23.95
N GLY A 271 -5.17 -26.04 23.66
CA GLY A 271 -6.27 -26.31 24.56
C GLY A 271 -7.47 -25.50 24.10
N PHE A 272 -8.63 -25.76 24.71
CA PHE A 272 -9.84 -25.05 24.34
C PHE A 272 -9.91 -23.80 25.21
N PRO A 273 -10.13 -22.64 24.58
CA PRO A 273 -10.14 -21.40 25.38
C PRO A 273 -11.32 -21.38 26.35
N ALA A 274 -11.04 -21.04 27.59
CA ALA A 274 -12.09 -20.87 28.59
C ALA A 274 -12.75 -19.49 28.36
N ASP A 275 -13.94 -19.25 28.92
CA ASP A 275 -14.62 -17.96 28.79
C ASP A 275 -13.69 -16.79 29.21
N LYS A 276 -12.95 -16.96 30.30
CA LYS A 276 -12.06 -15.94 30.82
C LYS A 276 -10.85 -15.65 29.94
N ASP A 277 -10.40 -16.65 29.17
CA ASP A 277 -9.27 -16.55 28.25
C ASP A 277 -9.61 -15.70 27.03
N TRP A 278 -10.84 -15.79 26.54
CA TRP A 278 -11.27 -15.07 25.36
C TRP A 278 -12.74 -14.67 25.53
N GLU A 279 -12.98 -13.61 26.29
CA GLU A 279 -14.33 -13.13 26.57
C GLU A 279 -15.14 -12.81 25.32
N ASP A 280 -14.57 -12.08 24.37
CA ASP A 280 -15.27 -11.71 23.15
C ASP A 280 -15.39 -12.82 22.13
N ILE A 281 -15.13 -14.09 22.51
CA ILE A 281 -15.31 -15.21 21.57
C ILE A 281 -16.81 -15.34 21.23
N LYS A 282 -17.71 -15.02 22.19
CA LYS A 282 -19.16 -15.04 22.01
C LYS A 282 -19.57 -14.15 20.84
N LYS A 283 -18.84 -13.05 20.59
CA LYS A 283 -19.08 -12.06 19.54
C LYS A 283 -18.67 -12.51 18.14
N MET A 284 -17.91 -13.62 18.01
CA MET A 284 -17.50 -14.11 16.70
C MET A 284 -18.67 -14.65 15.93
N PRO A 285 -18.76 -14.34 14.63
CA PRO A 285 -19.87 -14.86 13.81
C PRO A 285 -20.04 -16.38 13.82
N GLU A 286 -18.94 -17.14 13.96
CA GLU A 286 -19.03 -18.60 13.99
C GLU A 286 -18.96 -19.19 15.40
N HIS A 287 -19.18 -18.38 16.45
CA HIS A 287 -19.13 -18.90 17.81
C HIS A 287 -20.12 -20.04 18.07
N SER A 288 -21.38 -19.93 17.58
CA SER A 288 -22.35 -21.00 17.82
C SER A 288 -22.03 -22.27 17.04
N THR A 289 -21.35 -22.15 15.90
CA THR A 289 -20.86 -23.28 15.12
C THR A 289 -19.69 -23.95 15.90
N LEU A 290 -18.86 -23.16 16.58
CA LEU A 290 -17.77 -23.66 17.40
C LEU A 290 -18.35 -24.45 18.58
N MET A 291 -19.42 -23.93 19.22
CA MET A 291 -20.08 -24.60 20.33
C MET A 291 -20.77 -25.88 19.88
N LYS A 292 -21.38 -25.88 18.70
CA LYS A 292 -22.07 -27.05 18.19
C LYS A 292 -21.09 -28.15 17.80
N ASP A 293 -19.95 -27.80 17.18
CA ASP A 293 -18.98 -28.80 16.73
C ASP A 293 -17.93 -29.20 17.74
N PHE A 294 -17.79 -28.45 18.83
CA PHE A 294 -16.71 -28.71 19.78
C PHE A 294 -17.12 -28.77 21.23
N ARG A 295 -16.40 -29.59 22.01
CA ARG A 295 -16.60 -29.68 23.44
C ARG A 295 -15.26 -29.46 24.12
N ARG A 296 -15.23 -28.52 25.07
CA ARG A 296 -14.06 -28.18 25.86
C ARG A 296 -13.25 -29.39 26.38
N ASN A 297 -13.94 -30.34 27.05
CA ASN A 297 -13.34 -31.51 27.68
C ASN A 297 -12.51 -32.38 26.73
N THR A 298 -12.75 -32.34 25.41
CA THR A 298 -11.95 -33.10 24.44
C THR A 298 -10.45 -32.71 24.54
N TYR A 299 -10.18 -31.44 24.85
CA TYR A 299 -8.84 -30.86 24.90
C TYR A 299 -8.40 -30.56 26.33
N THR A 300 -8.88 -31.34 27.29
CA THR A 300 -8.59 -31.12 28.70
C THR A 300 -7.08 -31.27 29.03
N ASN A 301 -6.39 -32.23 28.44
CA ASN A 301 -4.95 -32.39 28.69
C ASN A 301 -4.09 -31.70 27.60
N CYS A 302 -4.64 -30.70 26.91
CA CYS A 302 -3.95 -30.02 25.83
C CYS A 302 -3.50 -28.66 26.25
N SER A 303 -2.21 -28.36 26.02
CA SER A 303 -1.64 -27.04 26.30
C SER A 303 -0.36 -26.78 25.50
N LEU A 304 -0.01 -25.50 25.29
CA LEU A 304 1.21 -25.14 24.58
C LEU A 304 2.44 -25.71 25.32
N ILE A 305 2.42 -25.69 26.67
CA ILE A 305 3.47 -26.27 27.52
C ILE A 305 3.73 -27.74 27.15
N LYS A 306 2.66 -28.55 27.11
CA LYS A 306 2.81 -29.96 26.81
C LYS A 306 3.27 -30.16 25.40
N TYR A 307 2.73 -29.40 24.45
CA TYR A 307 3.17 -29.48 23.06
C TYR A 307 4.68 -29.21 22.91
N MET A 308 5.15 -28.06 23.42
CA MET A 308 6.55 -27.66 23.32
C MET A 308 7.46 -28.61 24.09
N GLU A 309 6.96 -29.24 25.19
CA GLU A 309 7.69 -30.23 25.96
C GLU A 309 7.99 -31.44 25.08
N LYS A 310 7.00 -31.92 24.30
CA LYS A 310 7.19 -33.05 23.38
C LYS A 310 8.29 -32.74 22.35
N HIS A 311 8.37 -31.48 21.91
CA HIS A 311 9.36 -31.06 20.95
C HIS A 311 10.66 -30.53 21.58
N LYS A 312 10.92 -30.89 22.84
CA LYS A 312 12.11 -30.59 23.61
C LYS A 312 12.41 -29.11 23.81
N VAL A 313 11.37 -28.28 23.93
CA VAL A 313 11.56 -26.86 24.20
C VAL A 313 11.13 -26.65 25.64
N LYS A 314 12.03 -26.14 26.50
CA LYS A 314 11.72 -25.99 27.92
C LYS A 314 10.68 -24.90 28.25
N PRO A 315 9.60 -25.29 28.95
CA PRO A 315 8.57 -24.29 29.31
C PRO A 315 9.04 -23.19 30.25
N ASP A 316 10.16 -23.41 30.96
CA ASP A 316 10.67 -22.39 31.87
C ASP A 316 11.61 -21.40 31.15
N SER A 317 11.88 -21.60 29.86
CA SER A 317 12.74 -20.73 29.10
C SER A 317 12.04 -19.42 28.72
N LYS A 318 12.83 -18.38 28.51
CA LYS A 318 12.37 -17.09 28.02
C LYS A 318 11.78 -17.23 26.60
N ALA A 319 12.35 -18.13 25.79
CA ALA A 319 11.85 -18.44 24.44
C ALA A 319 10.38 -18.91 24.52
N PHE A 320 10.07 -19.87 25.44
CA PHE A 320 8.72 -20.39 25.59
C PHE A 320 7.76 -19.29 26.02
N HIS A 321 8.09 -18.53 27.08
CA HIS A 321 7.25 -17.45 27.58
C HIS A 321 6.93 -16.42 26.51
N LEU A 322 7.90 -16.12 25.61
CA LEU A 322 7.63 -15.22 24.49
C LEU A 322 6.73 -15.87 23.45
N LEU A 323 6.97 -17.15 23.11
CA LEU A 323 6.09 -17.88 22.19
C LEU A 323 4.62 -17.88 22.67
N GLN A 324 4.40 -18.10 23.96
CA GLN A 324 3.09 -18.13 24.56
C GLN A 324 2.40 -16.75 24.53
N LYS A 325 3.16 -15.68 24.66
CA LYS A 325 2.62 -14.33 24.55
C LYS A 325 2.22 -14.00 23.08
N LEU A 326 2.90 -14.60 22.09
CA LEU A 326 2.56 -14.38 20.68
C LEU A 326 1.37 -15.25 20.27
N LEU A 327 1.32 -16.49 20.79
CA LEU A 327 0.27 -17.44 20.53
C LEU A 327 -0.83 -17.37 21.60
N THR A 328 -1.44 -16.21 21.77
CA THR A 328 -2.53 -16.05 22.70
C THR A 328 -3.80 -16.14 21.86
N MET A 329 -4.76 -16.99 22.22
CA MET A 329 -6.00 -17.14 21.44
C MET A 329 -6.76 -15.83 21.25
N ASP A 330 -7.02 -15.10 22.35
CA ASP A 330 -7.73 -13.83 22.26
C ASP A 330 -6.78 -12.82 21.65
N PRO A 331 -7.13 -12.27 20.46
CA PRO A 331 -6.26 -11.28 19.83
C PRO A 331 -5.99 -10.03 20.66
N ILE A 332 -7.01 -9.54 21.42
CA ILE A 332 -6.80 -8.36 22.26
C ILE A 332 -5.78 -8.64 23.38
N LYS A 333 -5.51 -9.93 23.69
CA LYS A 333 -4.51 -10.35 24.69
C LYS A 333 -3.18 -10.77 24.09
N ARG A 334 -3.02 -10.68 22.78
CA ARG A 334 -1.77 -11.00 22.10
C ARG A 334 -0.80 -9.82 22.30
N ILE A 335 0.48 -10.12 22.49
CA ILE A 335 1.53 -9.11 22.65
C ILE A 335 1.68 -8.30 21.35
N THR A 336 2.14 -7.03 21.44
CA THR A 336 2.40 -6.26 20.22
C THR A 336 3.81 -6.63 19.72
N SER A 337 4.14 -6.32 18.45
CA SER A 337 5.48 -6.58 17.91
C SER A 337 6.54 -5.76 18.68
N GLU A 338 6.22 -4.53 19.06
CA GLU A 338 7.16 -3.70 19.83
C GLU A 338 7.38 -4.28 21.23
N GLN A 339 6.33 -4.79 21.89
CA GLN A 339 6.50 -5.44 23.18
C GLN A 339 7.33 -6.73 23.03
N ALA A 340 7.12 -7.48 21.92
CA ALA A 340 7.88 -8.70 21.69
C ALA A 340 9.39 -8.36 21.55
N MET A 341 9.74 -7.29 20.83
CA MET A 341 11.13 -6.85 20.66
C MET A 341 11.81 -6.46 21.98
N GLN A 342 11.01 -6.00 22.95
CA GLN A 342 11.48 -5.65 24.28
C GLN A 342 11.56 -6.85 25.25
N ASP A 343 11.12 -8.03 24.82
CA ASP A 343 11.12 -9.20 25.68
C ASP A 343 12.53 -9.52 26.20
N PRO A 344 12.64 -9.93 27.49
CA PRO A 344 13.96 -10.29 28.03
C PRO A 344 14.67 -11.43 27.30
N TYR A 345 13.95 -12.21 26.47
CA TYR A 345 14.53 -13.27 25.65
C TYR A 345 15.62 -12.69 24.76
N PHE A 346 15.40 -11.46 24.23
CA PHE A 346 16.37 -10.80 23.35
C PHE A 346 17.58 -10.22 24.10
N LEU A 347 17.51 -10.12 25.44
CA LEU A 347 18.63 -9.70 26.29
C LEU A 347 19.43 -10.90 26.85
N GLU A 348 18.87 -12.10 26.77
CA GLU A 348 19.48 -13.32 27.26
C GLU A 348 20.51 -13.82 26.23
N ASP A 349 21.59 -14.42 26.70
CA ASP A 349 22.60 -15.00 25.82
C ASP A 349 22.00 -16.22 25.07
N PRO A 350 22.16 -16.31 23.74
CA PRO A 350 22.93 -15.40 22.87
C PRO A 350 22.12 -14.21 22.35
N LEU A 351 22.76 -13.06 22.12
CA LEU A 351 22.06 -11.90 21.58
C LEU A 351 21.72 -12.06 20.10
N PRO A 352 20.61 -11.50 19.61
CA PRO A 352 20.33 -11.58 18.17
C PRO A 352 21.42 -10.85 17.37
N THR A 353 21.78 -11.38 16.20
CA THR A 353 22.79 -10.77 15.35
C THR A 353 22.20 -10.28 14.04
N SER A 354 22.84 -9.28 13.42
CA SER A 354 22.45 -8.73 12.11
C SER A 354 22.48 -9.81 11.03
N ASP A 355 23.45 -10.70 11.12
CA ASP A 355 23.55 -11.83 10.22
C ASP A 355 23.02 -13.02 11.03
N VAL A 356 21.84 -13.56 10.67
CA VAL A 356 21.27 -14.70 11.37
C VAL A 356 22.18 -15.91 11.33
N PHE A 357 22.99 -16.05 10.27
CA PHE A 357 23.94 -17.16 10.18
C PHE A 357 25.19 -16.95 11.07
N ALA A 358 25.33 -15.77 11.69
CA ALA A 358 26.42 -15.37 12.59
C ALA A 358 27.81 -15.82 12.12
N GLY A 359 28.17 -15.38 10.92
CA GLY A 359 29.46 -15.71 10.32
C GLY A 359 29.67 -17.15 9.91
N CYS A 360 28.80 -18.08 10.40
CA CYS A 360 28.90 -19.51 10.11
C CYS A 360 28.69 -19.81 8.64
N GLN A 361 29.32 -20.88 8.14
CA GLN A 361 29.16 -21.36 6.75
C GLN A 361 27.66 -21.68 6.54
N ILE A 362 27.03 -21.11 5.51
CA ILE A 362 25.61 -21.37 5.26
C ILE A 362 25.51 -22.79 4.69
N PRO A 363 24.92 -23.73 5.44
CA PRO A 363 24.82 -25.11 4.92
C PRO A 363 23.66 -25.32 3.94
N TYR A 364 22.72 -24.36 3.90
CA TYR A 364 21.51 -24.39 3.09
C TYR A 364 21.85 -24.35 1.63
N PRO A 365 21.24 -25.25 0.84
CA PRO A 365 21.51 -25.24 -0.60
C PRO A 365 20.84 -24.06 -1.32
N LYS A 366 21.35 -23.73 -2.50
CA LYS A 366 20.77 -22.68 -3.31
C LYS A 366 19.40 -23.14 -3.84
N ARG A 367 18.54 -22.18 -4.16
CA ARG A 367 17.20 -22.48 -4.65
C ARG A 367 17.22 -23.14 -6.03
N GLU A 368 16.31 -24.08 -6.25
CA GLU A 368 16.23 -24.79 -7.52
C GLU A 368 15.33 -24.08 -8.51
N PHE A 369 15.70 -24.16 -9.78
CA PHE A 369 14.93 -23.54 -10.85
C PHE A 369 13.81 -24.43 -11.33
N LEU A 370 12.57 -23.92 -11.24
CA LEU A 370 11.35 -24.57 -11.68
C LEU A 370 11.32 -24.58 -13.21
N THR A 371 10.96 -25.73 -13.80
CA THR A 371 10.83 -25.80 -15.26
C THR A 371 9.33 -25.60 -15.56
N GLU A 372 8.90 -24.32 -15.45
CA GLU A 372 7.51 -23.94 -15.63
C GLU A 372 7.02 -23.99 -17.07
N GLU A 373 6.00 -24.81 -17.34
CA GLU A 373 5.44 -24.93 -18.67
C GLU A 373 3.91 -24.92 -18.64
N ALA B 30 -2.86 3.37 6.34
CA ALA B 30 -1.74 2.90 5.51
C ALA B 30 -0.82 4.05 5.16
N MET B 31 0.36 4.01 5.75
CA MET B 31 1.44 5.00 5.64
C MET B 31 1.15 6.30 6.37
N ALA B 32 0.11 6.35 7.22
CA ALA B 32 -0.18 7.54 8.03
C ALA B 32 1.00 7.76 8.97
N GLY B 33 1.43 9.02 9.10
CA GLY B 33 2.59 9.34 9.92
C GLY B 33 3.90 9.35 9.16
N ASN B 34 3.95 8.71 7.97
CA ASN B 34 5.18 8.63 7.16
C ASN B 34 5.40 9.79 6.16
N PHE B 35 4.66 10.90 6.26
CA PHE B 35 4.80 12.01 5.30
C PHE B 35 6.22 12.44 5.01
N TRP B 36 7.05 12.67 6.06
CA TRP B 36 8.40 13.19 5.83
C TRP B 36 9.36 12.18 5.17
N GLN B 37 8.95 10.93 5.03
CA GLN B 37 9.76 9.91 4.35
C GLN B 37 9.04 9.34 3.12
N SER B 38 7.92 9.97 2.68
CA SER B 38 7.08 9.50 1.60
C SER B 38 7.52 9.99 0.22
N SER B 39 7.09 9.32 -0.84
CA SER B 39 7.34 9.79 -2.20
C SER B 39 6.56 11.08 -2.50
N HIS B 40 5.42 11.31 -1.82
CA HIS B 40 4.61 12.51 -1.97
C HIS B 40 5.48 13.71 -1.59
N TYR B 41 6.15 13.63 -0.45
CA TYR B 41 7.03 14.70 0.00
C TYR B 41 8.36 14.78 -0.75
N LEU B 42 9.04 13.66 -0.91
CA LEU B 42 10.34 13.61 -1.54
C LEU B 42 10.35 13.81 -3.06
N GLN B 43 9.23 13.53 -3.75
CA GLN B 43 9.20 13.70 -5.21
C GLN B 43 8.08 14.58 -5.72
N TRP B 44 6.95 14.59 -5.02
CA TRP B 44 5.77 15.28 -5.52
C TRP B 44 5.37 16.55 -4.77
N ILE B 45 6.32 17.18 -4.10
CA ILE B 45 6.17 18.50 -3.53
C ILE B 45 7.11 19.33 -4.41
N LEU B 46 6.54 19.98 -5.40
CA LEU B 46 7.24 20.69 -6.46
C LEU B 46 7.62 22.13 -6.15
N ASP B 47 8.60 22.64 -6.93
CA ASP B 47 9.11 24.01 -6.90
C ASP B 47 8.19 24.80 -7.83
N LYS B 48 7.59 25.88 -7.35
CA LYS B 48 6.64 26.67 -8.16
C LYS B 48 7.21 27.09 -9.53
N GLN B 49 8.50 27.50 -9.58
CA GLN B 49 9.16 27.89 -10.82
C GLN B 49 9.33 26.74 -11.81
N ASP B 50 9.62 25.53 -11.33
CA ASP B 50 9.73 24.37 -12.20
C ASP B 50 8.37 24.06 -12.85
N LEU B 51 7.31 24.18 -12.05
CA LEU B 51 5.93 23.94 -12.45
C LEU B 51 5.52 24.96 -13.54
N LEU B 52 5.76 26.26 -13.27
CA LEU B 52 5.47 27.32 -14.21
C LEU B 52 6.27 27.15 -15.50
N LYS B 53 7.52 26.68 -15.39
CA LYS B 53 8.36 26.44 -16.55
C LYS B 53 7.77 25.34 -17.42
N GLU B 54 7.37 24.20 -16.81
CA GLU B 54 6.77 23.12 -17.58
C GLU B 54 5.43 23.51 -18.19
N ARG B 55 4.69 24.43 -17.55
CA ARG B 55 3.41 24.90 -18.04
C ARG B 55 3.51 25.76 -19.29
N GLN B 56 4.67 26.40 -19.54
CA GLN B 56 4.88 27.29 -20.68
C GLN B 56 4.52 26.68 -22.02
N LYS B 57 4.73 25.37 -22.19
CA LYS B 57 4.38 24.70 -23.44
C LYS B 57 2.87 24.72 -23.69
N ASP B 58 2.06 24.65 -22.62
CA ASP B 58 0.61 24.76 -22.77
C ASP B 58 0.14 26.21 -22.85
N LEU B 59 0.91 27.14 -22.25
CA LEU B 59 0.62 28.57 -22.28
C LEU B 59 0.85 29.24 -23.63
N LYS B 60 1.27 28.47 -24.64
CA LYS B 60 1.36 28.96 -26.00
C LYS B 60 -0.06 29.00 -26.60
N PHE B 61 -0.97 28.11 -26.15
CA PHE B 61 -2.34 27.99 -26.63
C PHE B 61 -3.36 28.62 -25.69
N LEU B 62 -3.09 28.58 -24.37
CA LEU B 62 -4.01 29.10 -23.38
C LEU B 62 -3.37 30.16 -22.52
N SER B 63 -4.16 31.14 -22.06
CA SER B 63 -3.64 32.13 -21.12
C SER B 63 -3.50 31.45 -19.75
N GLU B 64 -2.76 32.08 -18.83
CA GLU B 64 -2.62 31.51 -17.47
C GLU B 64 -4.00 31.34 -16.79
N GLU B 65 -4.90 32.29 -17.05
CA GLU B 65 -6.27 32.32 -16.55
C GLU B 65 -7.09 31.16 -17.11
N GLU B 66 -6.99 30.91 -18.41
CA GLU B 66 -7.69 29.83 -19.08
C GLU B 66 -7.15 28.47 -18.67
N TYR B 67 -5.84 28.38 -18.41
CA TYR B 67 -5.23 27.14 -17.95
C TYR B 67 -5.76 26.86 -16.53
N TRP B 68 -5.87 27.92 -15.67
CA TRP B 68 -6.40 27.73 -14.33
C TRP B 68 -7.87 27.25 -14.39
N LYS B 69 -8.69 27.91 -15.21
CA LYS B 69 -10.09 27.54 -15.40
C LYS B 69 -10.29 26.10 -15.86
N LEU B 70 -9.37 25.59 -16.72
CA LEU B 70 -9.41 24.20 -17.19
C LEU B 70 -9.12 23.24 -16.03
N GLN B 71 -8.21 23.64 -15.10
CA GLN B 71 -7.89 22.80 -13.96
C GLN B 71 -9.04 22.77 -12.96
N ILE B 72 -9.78 23.90 -12.82
CA ILE B 72 -10.97 23.99 -11.98
C ILE B 72 -12.02 23.05 -12.56
N PHE B 73 -12.26 23.15 -13.87
CA PHE B 73 -13.20 22.35 -14.65
C PHE B 73 -12.98 20.86 -14.45
N PHE B 74 -11.75 20.37 -14.68
CA PHE B 74 -11.43 18.94 -14.56
C PHE B 74 -11.43 18.44 -13.12
N THR B 75 -11.18 19.32 -12.14
CA THR B 75 -11.36 18.95 -10.73
C THR B 75 -12.87 18.69 -10.50
N ASN B 76 -13.75 19.54 -11.07
CA ASN B 76 -15.19 19.36 -10.94
C ASN B 76 -15.68 18.13 -11.68
N VAL B 77 -15.02 17.75 -12.80
CA VAL B 77 -15.40 16.55 -13.55
C VAL B 77 -15.08 15.33 -12.70
N ILE B 78 -13.86 15.27 -12.11
CA ILE B 78 -13.44 14.15 -11.27
C ILE B 78 -14.35 13.99 -10.05
N GLN B 79 -14.71 15.12 -9.40
CA GLN B 79 -15.63 15.16 -8.28
C GLN B 79 -16.99 14.53 -8.66
N ALA B 80 -17.52 14.90 -9.82
CA ALA B 80 -18.79 14.43 -10.32
C ALA B 80 -18.70 12.95 -10.66
N LEU B 81 -17.57 12.51 -11.25
CA LEU B 81 -17.39 11.09 -11.58
C LEU B 81 -17.39 10.26 -10.30
N GLY B 82 -16.69 10.74 -9.28
CA GLY B 82 -16.58 10.08 -7.99
C GLY B 82 -17.91 10.00 -7.28
N GLU B 83 -18.69 11.08 -7.32
CA GLU B 83 -20.02 11.10 -6.71
C GLU B 83 -20.93 10.10 -7.38
N HIS B 84 -20.88 10.03 -8.71
CA HIS B 84 -21.71 9.11 -9.48
C HIS B 84 -21.38 7.67 -9.13
N LEU B 85 -20.10 7.37 -8.93
CA LEU B 85 -19.63 6.03 -8.58
C LEU B 85 -19.70 5.73 -7.06
N LYS B 86 -20.25 6.65 -6.26
CA LYS B 86 -20.41 6.53 -4.81
C LYS B 86 -19.09 6.37 -4.08
N LEU B 87 -18.04 7.00 -4.60
CA LEU B 87 -16.73 6.94 -4.00
C LEU B 87 -16.61 7.92 -2.87
N ARG B 88 -15.83 7.55 -1.86
CA ARG B 88 -15.54 8.38 -0.70
C ARG B 88 -14.68 9.58 -1.15
N GLN B 89 -14.77 10.73 -0.47
CA GLN B 89 -14.02 11.93 -0.84
C GLN B 89 -12.51 11.67 -0.96
N GLN B 90 -11.97 10.77 -0.13
CA GLN B 90 -10.55 10.46 -0.15
C GLN B 90 -10.12 9.85 -1.49
N VAL B 91 -10.98 9.01 -2.08
CA VAL B 91 -10.72 8.40 -3.38
C VAL B 91 -10.70 9.51 -4.44
N ILE B 92 -11.71 10.38 -4.43
CA ILE B 92 -11.82 11.52 -5.33
C ILE B 92 -10.59 12.44 -5.23
N ALA B 93 -10.13 12.72 -4.02
CA ALA B 93 -8.98 13.58 -3.77
C ALA B 93 -7.72 12.97 -4.31
N THR B 94 -7.51 11.66 -4.11
CA THR B 94 -6.34 10.96 -4.60
C THR B 94 -6.33 11.01 -6.14
N ALA B 95 -7.51 10.79 -6.76
CA ALA B 95 -7.67 10.82 -8.21
C ALA B 95 -7.38 12.23 -8.76
N THR B 96 -7.77 13.27 -8.01
CA THR B 96 -7.54 14.63 -8.42
C THR B 96 -6.04 14.93 -8.43
N VAL B 97 -5.33 14.46 -7.40
CA VAL B 97 -3.90 14.65 -7.27
C VAL B 97 -3.17 13.94 -8.38
N TYR B 98 -3.59 12.71 -8.76
CA TYR B 98 -2.95 11.97 -9.87
C TYR B 98 -3.08 12.77 -11.17
N PHE B 99 -4.25 13.34 -11.42
CA PHE B 99 -4.55 14.14 -12.59
C PHE B 99 -3.66 15.39 -12.60
N LYS B 100 -3.53 16.08 -11.45
CA LYS B 100 -2.68 17.28 -11.37
C LYS B 100 -1.23 16.93 -11.57
N ARG B 101 -0.76 15.82 -10.98
CA ARG B 101 0.62 15.38 -11.10
C ARG B 101 0.93 15.04 -12.55
N PHE B 102 -0.02 14.42 -13.26
CA PHE B 102 0.19 14.09 -14.67
C PHE B 102 0.37 15.35 -15.53
N TYR B 103 -0.54 16.33 -15.40
CA TYR B 103 -0.46 17.54 -16.19
C TYR B 103 0.52 18.58 -15.62
N ALA B 104 1.12 18.34 -14.46
CA ALA B 104 2.19 19.19 -13.93
C ALA B 104 3.46 18.90 -14.76
N ARG B 105 3.67 17.64 -15.17
CA ARG B 105 4.82 17.25 -15.96
C ARG B 105 4.54 17.15 -17.45
N TYR B 106 3.30 16.87 -17.85
CA TYR B 106 2.98 16.69 -19.27
C TYR B 106 1.95 17.66 -19.79
N SER B 107 1.97 17.85 -21.10
CA SER B 107 1.06 18.74 -21.79
C SER B 107 -0.36 18.17 -21.86
N LEU B 108 -1.36 19.06 -21.88
CA LEU B 108 -2.77 18.71 -22.06
C LEU B 108 -2.98 17.91 -23.38
N LYS B 109 -2.08 18.03 -24.35
CA LYS B 109 -2.20 17.30 -25.61
C LYS B 109 -1.64 15.87 -25.54
N SER B 110 -0.82 15.54 -24.53
CA SER B 110 -0.19 14.23 -24.44
C SER B 110 -1.26 13.13 -24.39
N ILE B 111 -2.23 13.29 -23.48
CA ILE B 111 -3.37 12.39 -23.34
C ILE B 111 -4.58 13.27 -23.11
N ASP B 112 -5.72 12.95 -23.75
CA ASP B 112 -6.97 13.68 -23.55
C ASP B 112 -7.36 13.66 -22.06
N PRO B 113 -7.47 14.86 -21.44
CA PRO B 113 -7.92 14.90 -20.03
C PRO B 113 -9.31 14.28 -19.79
N VAL B 114 -10.16 14.17 -20.84
CA VAL B 114 -11.47 13.51 -20.76
C VAL B 114 -11.29 12.00 -20.50
N LEU B 115 -10.21 11.40 -21.02
CA LEU B 115 -9.85 10.01 -20.79
C LEU B 115 -9.03 9.90 -19.48
N MET B 116 -8.16 10.87 -19.21
CA MET B 116 -7.35 10.87 -18.00
C MET B 116 -8.18 10.93 -16.72
N ALA B 117 -9.22 11.78 -16.67
CA ALA B 117 -10.06 11.96 -15.47
C ALA B 117 -10.72 10.64 -14.97
N PRO B 118 -11.47 9.85 -15.80
CA PRO B 118 -11.98 8.56 -15.29
C PRO B 118 -10.87 7.56 -15.02
N THR B 119 -9.74 7.63 -15.75
CA THR B 119 -8.61 6.73 -15.51
C THR B 119 -8.01 6.96 -14.12
N CYS B 120 -7.92 8.24 -13.71
CA CYS B 120 -7.40 8.61 -12.39
C CYS B 120 -8.33 8.09 -11.31
N VAL B 121 -9.65 8.24 -11.52
CA VAL B 121 -10.66 7.74 -10.59
C VAL B 121 -10.56 6.20 -10.45
N PHE B 122 -10.45 5.51 -11.58
CA PHE B 122 -10.37 4.05 -11.63
C PHE B 122 -9.15 3.54 -10.86
N LEU B 123 -7.98 4.16 -11.03
CA LEU B 123 -6.77 3.74 -10.31
C LEU B 123 -6.82 4.11 -8.82
N ALA B 124 -7.31 5.32 -8.48
CA ALA B 124 -7.37 5.75 -7.08
C ALA B 124 -8.27 4.83 -6.26
N SER B 125 -9.38 4.39 -6.86
CA SER B 125 -10.32 3.48 -6.23
C SER B 125 -9.60 2.14 -5.86
N LYS B 126 -8.59 1.72 -6.65
CA LYS B 126 -7.84 0.50 -6.34
C LYS B 126 -6.84 0.72 -5.21
N VAL B 127 -6.12 1.87 -5.26
CA VAL B 127 -5.13 2.25 -4.26
C VAL B 127 -5.79 2.42 -2.91
N GLU B 128 -6.93 3.11 -2.89
CA GLU B 128 -7.67 3.38 -1.65
C GLU B 128 -8.49 2.16 -1.14
N GLU B 129 -8.29 0.98 -1.77
CA GLU B 129 -8.91 -0.30 -1.46
C GLU B 129 -10.43 -0.26 -1.48
N PHE B 130 -10.97 0.52 -2.41
CA PHE B 130 -12.40 0.61 -2.63
C PHE B 130 -12.81 -0.55 -3.58
N GLY B 131 -11.94 -0.89 -4.53
CA GLY B 131 -12.18 -1.98 -5.47
C GLY B 131 -11.94 -1.63 -6.92
N VAL B 132 -12.10 -2.62 -7.78
CA VAL B 132 -11.97 -2.45 -9.20
C VAL B 132 -13.36 -2.10 -9.73
N VAL B 133 -13.57 -0.84 -10.18
CA VAL B 133 -14.86 -0.44 -10.77
C VAL B 133 -15.00 -1.23 -12.06
N SER B 134 -16.10 -1.97 -12.25
CA SER B 134 -16.28 -2.77 -13.46
C SER B 134 -16.18 -1.95 -14.75
N ASN B 135 -15.88 -2.61 -15.87
CA ASN B 135 -15.73 -1.98 -17.18
C ASN B 135 -17.01 -1.21 -17.55
N THR B 136 -18.15 -1.89 -17.44
CA THR B 136 -19.43 -1.27 -17.77
C THR B 136 -19.76 -0.12 -16.83
N ARG B 137 -19.53 -0.30 -15.52
CA ARG B 137 -19.83 0.75 -14.56
C ARG B 137 -19.00 2.00 -14.77
N LEU B 138 -17.68 1.84 -15.00
CA LEU B 138 -16.79 3.01 -15.21
C LEU B 138 -17.13 3.73 -16.51
N ILE B 139 -17.39 2.98 -17.60
CA ILE B 139 -17.73 3.59 -18.88
C ILE B 139 -19.11 4.24 -18.85
N ALA B 140 -20.10 3.60 -18.22
CA ALA B 140 -21.44 4.19 -18.11
C ALA B 140 -21.41 5.42 -17.23
N ALA B 141 -20.63 5.41 -16.15
CA ALA B 141 -20.56 6.59 -15.26
C ALA B 141 -19.93 7.77 -15.98
N ALA B 142 -18.84 7.57 -16.74
CA ALA B 142 -18.20 8.66 -17.48
C ALA B 142 -19.12 9.18 -18.59
N THR B 143 -19.77 8.27 -19.33
CA THR B 143 -20.73 8.65 -20.38
C THR B 143 -21.89 9.46 -19.75
N SER B 144 -22.42 8.98 -18.64
CA SER B 144 -23.54 9.60 -17.96
C SER B 144 -23.21 10.94 -17.30
N VAL B 145 -22.09 11.02 -16.60
CA VAL B 145 -21.67 12.25 -15.92
C VAL B 145 -21.42 13.36 -16.94
N LEU B 146 -20.65 13.09 -17.99
CA LEU B 146 -20.36 14.11 -18.99
C LEU B 146 -21.63 14.58 -19.75
N LYS B 147 -22.56 13.66 -20.01
CA LYS B 147 -23.81 13.94 -20.71
C LYS B 147 -24.78 14.77 -19.86
N THR B 148 -25.06 14.33 -18.63
CA THR B 148 -26.05 15.01 -17.79
C THR B 148 -25.53 16.20 -17.02
N ARG B 149 -24.23 16.24 -16.70
CA ARG B 149 -23.70 17.34 -15.90
C ARG B 149 -22.77 18.27 -16.66
N PHE B 150 -22.16 17.83 -17.76
CA PHE B 150 -21.18 18.66 -18.47
C PHE B 150 -21.45 18.85 -19.96
N SER B 151 -22.73 18.82 -20.41
CA SER B 151 -23.00 18.97 -21.85
C SER B 151 -22.77 20.40 -22.37
N TYR B 152 -22.68 21.39 -21.47
CA TYR B 152 -22.33 22.74 -21.86
C TYR B 152 -20.89 22.77 -22.45
N ALA B 153 -20.01 21.83 -22.03
CA ALA B 153 -18.64 21.77 -22.48
C ALA B 153 -18.44 20.64 -23.50
N PHE B 154 -19.23 19.56 -23.42
CA PHE B 154 -19.10 18.44 -24.33
C PHE B 154 -20.34 18.20 -25.17
N PRO B 155 -20.30 18.54 -26.46
CA PRO B 155 -21.48 18.28 -27.32
C PRO B 155 -21.64 16.78 -27.69
N LYS B 156 -20.51 16.06 -27.80
CA LYS B 156 -20.56 14.64 -28.15
C LYS B 156 -20.50 13.72 -26.92
N GLU B 157 -20.99 12.49 -27.10
CA GLU B 157 -20.97 11.48 -26.04
C GLU B 157 -19.51 10.99 -25.78
N PHE B 158 -19.19 10.59 -24.53
CA PHE B 158 -17.89 10.05 -24.11
C PHE B 158 -17.47 8.93 -25.10
N PRO B 159 -16.39 9.14 -25.85
CA PRO B 159 -16.03 8.17 -26.90
C PRO B 159 -15.12 7.03 -26.52
N TYR B 160 -14.61 7.04 -25.29
CA TYR B 160 -13.64 6.02 -24.88
C TYR B 160 -14.24 4.75 -24.32
N ARG B 161 -13.52 3.68 -24.50
CA ARG B 161 -13.90 2.37 -24.03
C ARG B 161 -12.89 1.88 -23.01
N MET B 162 -13.21 0.77 -22.32
CA MET B 162 -12.33 0.25 -21.29
C MET B 162 -10.90 0.00 -21.75
N ASN B 163 -10.68 -0.45 -23.01
CA ASN B 163 -9.30 -0.67 -23.47
C ASN B 163 -8.46 0.61 -23.41
N HIS B 164 -9.09 1.78 -23.63
CA HIS B 164 -8.44 3.09 -23.59
C HIS B 164 -8.08 3.47 -22.19
N ILE B 165 -9.00 3.23 -21.24
CA ILE B 165 -8.78 3.47 -19.81
C ILE B 165 -7.63 2.58 -19.33
N LEU B 166 -7.62 1.31 -19.74
CA LEU B 166 -6.56 0.37 -19.34
C LEU B 166 -5.22 0.78 -19.90
N GLU B 167 -5.20 1.30 -21.15
CA GLU B 167 -4.00 1.80 -21.80
C GLU B 167 -3.50 3.00 -21.02
N CYS B 168 -4.39 3.95 -20.74
CA CYS B 168 -4.10 5.18 -20.03
C CYS B 168 -3.58 4.92 -18.62
N GLU B 169 -4.12 3.89 -17.96
CA GLU B 169 -3.73 3.51 -16.60
C GLU B 169 -2.26 3.15 -16.56
N PHE B 170 -1.78 2.41 -17.56
CA PHE B 170 -0.37 2.07 -17.65
C PHE B 170 0.49 3.32 -17.78
N TYR B 171 0.09 4.26 -18.63
CA TYR B 171 0.79 5.52 -18.84
C TYR B 171 0.79 6.38 -17.56
N LEU B 172 -0.35 6.51 -16.91
CA LEU B 172 -0.47 7.30 -15.71
C LEU B 172 0.39 6.72 -14.59
N LEU B 173 0.41 5.40 -14.46
CA LEU B 173 1.20 4.76 -13.41
C LEU B 173 2.69 4.99 -13.58
N GLU B 174 3.21 4.81 -14.79
CA GLU B 174 4.64 5.01 -15.04
C GLU B 174 5.04 6.46 -15.01
N LEU B 175 4.18 7.34 -15.50
CA LEU B 175 4.51 8.75 -15.53
C LEU B 175 4.37 9.42 -14.15
N MET B 176 3.81 8.73 -13.14
CA MET B 176 3.85 9.20 -11.75
C MET B 176 4.98 8.50 -10.97
N ASP B 177 5.87 7.76 -11.66
CA ASP B 177 6.97 7.03 -11.06
C ASP B 177 6.42 6.00 -10.03
N CYS B 178 5.21 5.46 -10.29
CA CYS B 178 4.54 4.49 -9.44
C CYS B 178 4.25 4.99 -8.04
N CYS B 179 4.16 6.30 -7.83
CA CYS B 179 3.87 6.93 -6.55
C CYS B 179 2.37 6.94 -6.42
N LEU B 180 1.81 6.08 -5.53
CA LEU B 180 0.37 5.97 -5.39
C LEU B 180 -0.18 6.48 -4.07
N ILE B 181 0.64 6.44 -3.02
CA ILE B 181 0.19 6.92 -1.70
C ILE B 181 0.23 8.44 -1.68
N VAL B 182 -0.96 9.05 -1.58
CA VAL B 182 -1.12 10.49 -1.52
C VAL B 182 -1.66 10.88 -0.12
N TYR B 183 -1.14 11.97 0.44
CA TYR B 183 -1.53 12.55 1.71
C TYR B 183 -2.44 13.75 1.44
N HIS B 184 -3.53 13.88 2.17
CA HIS B 184 -4.49 14.98 1.96
C HIS B 184 -4.66 15.81 3.24
N PRO B 185 -5.18 17.05 3.16
CA PRO B 185 -5.32 17.87 4.37
C PRO B 185 -6.44 17.46 5.31
N TYR B 186 -7.30 16.52 4.92
CA TYR B 186 -8.45 16.14 5.73
C TYR B 186 -8.12 15.55 7.10
N ARG B 187 -7.17 14.59 7.17
CA ARG B 187 -6.75 13.97 8.41
C ARG B 187 -6.11 15.01 9.34
N PRO B 188 -5.06 15.78 8.91
CA PRO B 188 -4.52 16.82 9.83
C PRO B 188 -5.59 17.83 10.21
N LEU B 189 -6.52 18.16 9.30
CA LEU B 189 -7.61 19.10 9.64
C LEU B 189 -8.47 18.57 10.80
N LEU B 190 -8.83 17.28 10.77
CA LEU B 190 -9.63 16.68 11.86
C LEU B 190 -8.89 16.76 13.18
N GLN B 191 -7.58 16.53 13.16
CA GLN B 191 -6.75 16.60 14.36
C GLN B 191 -6.67 18.03 14.88
N TYR B 192 -6.58 19.02 13.98
CA TYR B 192 -6.53 20.43 14.38
C TYR B 192 -7.84 20.90 15.00
N VAL B 193 -9.00 20.64 14.36
CA VAL B 193 -10.29 21.08 14.91
C VAL B 193 -10.63 20.34 16.21
N GLN B 194 -10.15 19.09 16.37
CA GLN B 194 -10.33 18.32 17.59
C GLN B 194 -9.51 19.03 18.67
N ASP B 195 -8.23 19.35 18.40
CA ASP B 195 -7.41 20.09 19.34
C ASP B 195 -8.05 21.43 19.74
N MET B 196 -8.59 22.16 18.77
CA MET B 196 -9.28 23.43 19.01
C MET B 196 -10.53 23.30 19.86
N GLY B 197 -11.13 22.10 19.87
CA GLY B 197 -12.39 21.86 20.55
C GLY B 197 -13.54 22.58 19.85
N GLN B 198 -13.40 22.79 18.52
CA GLN B 198 -14.35 23.54 17.71
C GLN B 198 -14.89 22.76 16.52
N GLU B 199 -15.00 21.43 16.63
CA GLU B 199 -15.49 20.58 15.56
C GLU B 199 -16.87 20.96 15.01
N ASP B 200 -17.87 21.13 15.88
CA ASP B 200 -19.23 21.42 15.44
C ASP B 200 -19.32 22.72 14.64
N MET B 201 -18.58 23.74 15.05
CA MET B 201 -18.64 25.04 14.41
C MET B 201 -17.73 25.18 13.18
N LEU B 202 -16.48 24.74 13.29
CA LEU B 202 -15.50 24.96 12.24
C LEU B 202 -15.28 23.84 11.26
N LEU B 203 -15.45 22.56 11.66
CA LEU B 203 -15.16 21.44 10.75
C LEU B 203 -15.95 21.47 9.43
N PRO B 204 -17.29 21.61 9.39
CA PRO B 204 -17.99 21.65 8.08
C PRO B 204 -17.42 22.66 7.07
N LEU B 205 -17.20 23.91 7.49
CA LEU B 205 -16.64 24.94 6.64
C LEU B 205 -15.19 24.69 6.27
N ALA B 206 -14.31 24.36 7.24
CA ALA B 206 -12.91 24.10 6.94
C ALA B 206 -12.76 22.93 5.99
N TRP B 207 -13.59 21.90 6.15
CA TRP B 207 -13.58 20.72 5.28
C TRP B 207 -13.94 21.12 3.85
N ARG B 208 -14.96 21.98 3.69
CA ARG B 208 -15.39 22.47 2.38
C ARG B 208 -14.30 23.32 1.76
N ILE B 209 -13.59 24.12 2.56
CA ILE B 209 -12.49 24.92 2.04
C ILE B 209 -11.37 24.03 1.57
N VAL B 210 -11.08 22.93 2.29
CA VAL B 210 -10.08 21.95 1.83
C VAL B 210 -10.53 21.36 0.47
N ASN B 211 -11.83 21.11 0.27
CA ASN B 211 -12.34 20.63 -1.04
C ASN B 211 -12.01 21.62 -2.13
N ASP B 212 -12.18 22.91 -1.83
CA ASP B 212 -11.89 24.03 -2.72
C ASP B 212 -10.41 24.16 -3.10
N THR B 213 -9.49 23.84 -2.18
CA THR B 213 -8.05 23.92 -2.50
C THR B 213 -7.64 23.01 -3.67
N TYR B 214 -8.45 22.00 -3.99
CA TYR B 214 -8.17 21.12 -5.15
C TYR B 214 -8.45 21.80 -6.47
N ARG B 215 -9.10 22.97 -6.47
CA ARG B 215 -9.30 23.74 -7.68
C ARG B 215 -8.02 24.58 -8.01
N THR B 216 -6.94 24.47 -7.20
CA THR B 216 -5.68 25.23 -7.31
C THR B 216 -4.48 24.22 -7.34
N ASP B 217 -3.23 24.73 -7.47
CA ASP B 217 -2.02 23.91 -7.48
C ASP B 217 -1.47 23.59 -6.07
N LEU B 218 -2.14 24.04 -4.99
CA LEU B 218 -1.67 23.86 -3.61
C LEU B 218 -1.17 22.46 -3.23
N CYS B 219 -1.90 21.40 -3.57
CA CYS B 219 -1.46 20.03 -3.25
C CYS B 219 -0.11 19.67 -3.88
N LEU B 220 0.32 20.38 -4.94
CA LEU B 220 1.62 20.12 -5.56
C LEU B 220 2.72 21.00 -4.94
N LEU B 221 2.39 21.98 -4.08
CA LEU B 221 3.36 22.92 -3.57
C LEU B 221 3.58 22.90 -2.08
N TYR B 222 2.60 22.43 -1.31
CA TYR B 222 2.71 22.47 0.14
C TYR B 222 2.33 21.17 0.80
N PRO B 223 2.95 20.85 1.96
CA PRO B 223 2.52 19.67 2.74
C PRO B 223 1.05 19.82 3.16
N PRO B 224 0.31 18.70 3.18
CA PRO B 224 -1.13 18.76 3.50
C PRO B 224 -1.51 19.43 4.81
N PHE B 225 -0.70 19.26 5.87
CA PHE B 225 -1.01 19.88 7.15
C PHE B 225 -1.00 21.41 7.05
N MET B 226 -0.19 21.98 6.13
CA MET B 226 -0.13 23.41 5.92
C MET B 226 -1.37 23.90 5.20
N ILE B 227 -1.88 23.11 4.22
CA ILE B 227 -3.13 23.46 3.53
C ILE B 227 -4.30 23.36 4.51
N ALA B 228 -4.27 22.37 5.42
CA ALA B 228 -5.32 22.21 6.43
C ALA B 228 -5.33 23.42 7.38
N LEU B 229 -4.14 23.90 7.79
CA LEU B 229 -4.06 25.08 8.65
C LEU B 229 -4.58 26.33 7.97
N ALA B 230 -4.29 26.50 6.67
CA ALA B 230 -4.77 27.67 5.94
C ALA B 230 -6.28 27.67 5.83
N CYS B 231 -6.87 26.48 5.56
CA CYS B 231 -8.31 26.31 5.48
C CYS B 231 -9.00 26.55 6.78
N LEU B 232 -8.40 26.05 7.87
CA LEU B 232 -8.91 26.24 9.21
C LEU B 232 -8.85 27.73 9.58
N HIS B 233 -7.76 28.43 9.17
CA HIS B 233 -7.64 29.85 9.43
C HIS B 233 -8.72 30.63 8.70
N VAL B 234 -8.95 30.33 7.39
CA VAL B 234 -10.00 31.02 6.62
C VAL B 234 -11.37 30.75 7.20
N ALA B 235 -11.61 29.51 7.70
CA ALA B 235 -12.88 29.17 8.31
C ALA B 235 -13.11 30.02 9.57
N CYS B 236 -12.06 30.22 10.38
CA CYS B 236 -12.11 31.07 11.59
C CYS B 236 -12.45 32.50 11.22
N VAL B 237 -11.85 33.05 10.14
CA VAL B 237 -12.10 34.41 9.72
C VAL B 237 -13.55 34.56 9.26
N VAL B 238 -14.01 33.61 8.46
CA VAL B 238 -15.38 33.60 7.95
C VAL B 238 -16.38 33.53 9.09
N GLN B 239 -16.16 32.63 10.03
CA GLN B 239 -17.05 32.45 11.17
C GLN B 239 -16.71 33.32 12.39
N GLN B 240 -15.84 34.33 12.20
CA GLN B 240 -15.43 35.30 13.21
C GLN B 240 -15.09 34.67 14.55
N LYS B 241 -14.27 33.62 14.49
CA LYS B 241 -13.81 32.86 15.63
C LYS B 241 -12.39 33.30 15.91
N ASP B 242 -12.13 33.80 17.10
CA ASP B 242 -10.80 34.23 17.49
C ASP B 242 -9.96 33.00 17.76
N ALA B 243 -8.92 32.78 16.98
CA ALA B 243 -8.03 31.65 17.16
C ALA B 243 -6.56 32.05 16.99
N ARG B 244 -6.22 33.34 17.25
CA ARG B 244 -4.86 33.85 17.11
C ARG B 244 -3.89 33.16 18.05
N GLN B 245 -4.31 32.93 19.30
CA GLN B 245 -3.47 32.27 20.29
C GLN B 245 -3.22 30.82 19.92
N TRP B 246 -4.27 30.11 19.44
CA TRP B 246 -4.08 28.72 19.02
C TRP B 246 -3.11 28.66 17.84
N PHE B 247 -3.28 29.57 16.85
CA PHE B 247 -2.38 29.63 15.69
C PHE B 247 -0.93 30.05 16.04
N ALA B 248 -0.75 30.95 17.02
CA ALA B 248 0.56 31.40 17.47
C ALA B 248 1.29 30.30 18.23
N GLU B 249 0.56 29.47 18.99
CA GLU B 249 1.18 28.36 19.70
C GLU B 249 1.70 27.22 18.80
N LEU B 250 1.44 27.30 17.48
CA LEU B 250 1.87 26.31 16.50
C LEU B 250 3.33 26.51 16.14
N SER B 251 4.09 25.43 16.01
CA SER B 251 5.48 25.52 15.58
C SER B 251 5.48 25.34 14.06
N VAL B 252 4.92 26.34 13.35
CA VAL B 252 4.79 26.32 11.90
C VAL B 252 5.27 27.64 11.30
N ASP B 253 5.67 27.60 10.02
CA ASP B 253 6.10 28.79 9.30
C ASP B 253 4.82 29.49 8.87
N MET B 254 4.39 30.52 9.63
CA MET B 254 3.16 31.25 9.31
C MET B 254 3.25 32.05 8.01
N GLU B 255 4.44 32.25 7.44
CA GLU B 255 4.55 32.94 6.15
C GLU B 255 4.04 32.04 5.05
N LYS B 256 4.37 30.74 5.11
CA LYS B 256 3.85 29.77 4.15
C LYS B 256 2.34 29.57 4.30
N ILE B 257 1.82 29.68 5.53
CA ILE B 257 0.40 29.57 5.80
C ILE B 257 -0.33 30.76 5.16
N LEU B 258 0.25 31.97 5.24
CA LEU B 258 -0.32 33.16 4.63
C LEU B 258 -0.24 33.09 3.11
N GLU B 259 0.79 32.43 2.55
CA GLU B 259 0.90 32.21 1.11
C GLU B 259 -0.27 31.33 0.65
N ILE B 260 -0.61 30.29 1.42
CA ILE B 260 -1.70 29.41 1.08
C ILE B 260 -3.04 30.13 1.24
N ILE B 261 -3.19 30.93 2.30
CA ILE B 261 -4.42 31.70 2.52
C ILE B 261 -4.69 32.63 1.35
N ARG B 262 -3.63 33.32 0.84
CA ARG B 262 -3.77 34.22 -0.30
C ARG B 262 -4.21 33.47 -1.55
N VAL B 263 -3.73 32.23 -1.73
CA VAL B 263 -4.19 31.40 -2.86
C VAL B 263 -5.68 31.06 -2.71
N ILE B 264 -6.13 30.70 -1.50
CA ILE B 264 -7.56 30.42 -1.26
C ILE B 264 -8.44 31.66 -1.50
N LEU B 265 -8.05 32.82 -0.96
CA LEU B 265 -8.81 34.06 -1.18
C LEU B 265 -8.88 34.43 -2.66
N LYS B 266 -7.79 34.20 -3.40
CA LYS B 266 -7.70 34.46 -4.84
C LYS B 266 -8.63 33.52 -5.61
N LEU B 267 -8.73 32.27 -5.18
CA LEU B 267 -9.63 31.30 -5.81
C LEU B 267 -11.09 31.77 -5.70
N TYR B 268 -11.47 32.36 -4.57
CA TYR B 268 -12.85 32.83 -4.39
C TYR B 268 -13.20 33.98 -5.30
N GLU B 269 -12.23 34.86 -5.58
CA GLU B 269 -12.40 35.96 -6.50
C GLU B 269 -12.47 35.43 -7.93
N GLN B 270 -11.61 34.45 -8.27
CA GLN B 270 -11.65 33.83 -9.59
C GLN B 270 -12.98 33.10 -9.80
N TRP B 271 -13.43 32.33 -8.81
CA TRP B 271 -14.67 31.55 -8.79
C TRP B 271 -15.85 32.48 -9.11
N LYS B 272 -15.91 33.62 -8.41
CA LYS B 272 -16.90 34.66 -8.60
C LYS B 272 -16.91 35.15 -10.04
N ASN B 273 -15.74 35.48 -10.59
CA ASN B 273 -15.65 36.05 -11.94
C ASN B 273 -15.68 35.05 -13.07
N PHE B 274 -15.56 33.77 -12.77
CA PHE B 274 -15.52 32.72 -13.75
C PHE B 274 -16.90 32.10 -13.93
N ASP B 275 -17.39 31.98 -15.18
CA ASP B 275 -18.59 31.21 -15.42
C ASP B 275 -18.17 30.06 -16.29
N GLU B 276 -17.92 28.95 -15.64
CA GLU B 276 -17.49 27.70 -16.22
C GLU B 276 -18.40 27.19 -17.29
N ARG B 277 -19.71 27.34 -17.10
N ARG B 277 -19.71 27.34 -17.09
CA ARG B 277 -20.68 26.85 -18.08
CA ARG B 277 -20.70 26.87 -18.07
C ARG B 277 -20.71 27.69 -19.36
C ARG B 277 -20.69 27.70 -19.34
N LYS B 278 -20.47 29.01 -19.22
CA LYS B 278 -20.41 29.87 -20.40
C LYS B 278 -19.05 29.81 -21.10
N GLU B 279 -17.96 29.59 -20.33
CA GLU B 279 -16.62 29.65 -20.92
C GLU B 279 -15.93 28.34 -21.33
N MET B 280 -16.28 27.19 -20.74
CA MET B 280 -15.49 25.98 -20.98
C MET B 280 -15.48 25.42 -22.38
N ALA B 281 -16.56 25.56 -23.18
CA ALA B 281 -16.53 25.03 -24.56
C ALA B 281 -15.48 25.76 -25.41
N THR B 282 -15.28 27.07 -25.14
CA THR B 282 -14.28 27.88 -25.84
C THR B 282 -12.88 27.56 -25.36
N ILE B 283 -12.68 27.42 -24.03
CA ILE B 283 -11.39 27.08 -23.47
C ILE B 283 -10.92 25.69 -23.90
N LEU B 284 -11.84 24.71 -23.93
CA LEU B 284 -11.49 23.37 -24.37
C LEU B 284 -11.10 23.36 -25.85
N SER B 285 -11.68 24.25 -26.69
CA SER B 285 -11.31 24.34 -28.12
C SER B 285 -9.91 24.92 -28.31
N LYS B 286 -9.48 25.83 -27.42
CA LYS B 286 -8.13 26.40 -27.52
C LYS B 286 -7.04 25.44 -27.04
N MET B 287 -7.40 24.46 -26.22
CA MET B 287 -6.50 23.50 -25.60
C MET B 287 -5.79 22.64 -26.65
N PRO B 288 -4.46 22.45 -26.54
CA PRO B 288 -3.75 21.60 -27.50
C PRO B 288 -4.30 20.18 -27.55
N LYS B 289 -4.58 19.67 -28.76
CA LYS B 289 -5.13 18.31 -28.90
C LYS B 289 -4.08 17.28 -29.33
N PRO B 290 -4.25 16.02 -28.92
CA PRO B 290 -3.27 14.98 -29.30
C PRO B 290 -3.09 14.86 -30.80
N LYS B 291 -1.84 14.82 -31.27
CA LYS B 291 -1.51 14.69 -32.69
C LYS B 291 -1.68 13.23 -33.10
N PRO B 292 -2.44 12.98 -34.17
CA PRO B 292 -2.63 11.59 -34.65
C PRO B 292 -1.39 11.01 -35.31
N PRO B 293 -1.28 9.66 -35.36
CA PRO B 293 -0.10 9.05 -36.00
C PRO B 293 -0.04 9.28 -37.51
N PRO B 294 1.15 9.23 -38.15
CA PRO B 294 1.22 9.48 -39.60
C PRO B 294 0.46 8.50 -40.50
CL CL C . -4.47 -18.40 25.42
C1 EDO D . 16.73 0.65 4.21
O1 EDO D . 17.24 0.81 5.52
C2 EDO D . 16.90 -0.77 3.72
O2 EDO D . 15.94 -1.03 2.72
C1 EDO E . -1.62 -1.09 -22.61
O1 EDO E . -2.46 -1.99 -23.32
C2 EDO E . -1.02 -0.10 -23.56
O2 EDO E . -0.74 1.12 -22.90
C1 EDO F . -22.97 -29.20 21.20
O1 EDO F . -22.59 -28.06 21.95
C2 EDO F . -21.97 -30.31 21.40
O2 EDO F . -20.65 -29.81 21.27
C1 EDO G . 1.56 -9.60 -6.56
O1 EDO G . 2.81 -10.07 -7.01
C2 EDO G . 1.76 -8.88 -5.27
O2 EDO G . 2.33 -9.72 -4.29
C1 EDO H . 18.17 -7.05 20.87
O1 EDO H . 19.01 -6.53 19.84
C2 EDO H . 18.43 -6.35 22.17
O2 EDO H . 17.19 -5.85 22.66
C1 EDO I . 10.78 5.54 -0.11
O1 EDO I . 11.78 5.90 0.82
C2 EDO I . 9.75 6.62 -0.19
O2 EDO I . 9.35 6.81 -1.54
C1 GOL J . 4.93 -24.10 -1.95
O1 GOL J . 3.76 -24.80 -1.57
C2 GOL J . 5.42 -23.19 -0.84
O2 GOL J . 4.43 -22.21 -0.54
C3 GOL J . 6.73 -22.53 -1.17
O3 GOL J . 7.74 -23.50 -1.47
N1 A1ITF K . 5.02 -14.78 -1.79
N3 A1ITF K . 12.55 -13.75 -3.88
C4 A1ITF K . 9.39 -17.00 -2.10
C5 A1ITF K . 8.94 -19.39 -1.94
C6 A1ITF K . 7.05 -17.82 -1.86
C7 A1ITF K . 6.52 -16.41 -1.99
C8 A1ITF K . 5.35 -16.02 -1.36
C10 A1ITF K . 6.90 -15.32 -2.82
C13 A1ITF K . 12.37 -16.14 -3.77
C15 A1ITF K . 11.22 -13.73 -3.80
C17 A1ITF K . 10.26 -10.21 -3.42
F A1ITF K . 8.79 -10.70 -5.24
C18 A1ITF K . 8.96 -10.87 -3.85
C16 A1ITF K . 11.32 -11.22 -3.84
C19 A1ITF K . 9.16 -12.31 -3.62
N5 A1ITF K . 10.61 -12.50 -3.77
C14 A1ITF K . 13.11 -14.98 -3.85
N4 A1ITF K . 10.40 -14.80 -3.71
C12 A1ITF K . 10.99 -16.00 -3.69
C3 A1ITF K . 10.05 -17.16 -3.48
C2 A1ITF K . 10.63 -18.57 -3.62
N A1ITF K . 8.38 -18.05 -1.93
C1 A1ITF K . 9.56 -19.62 -3.31
O A1ITF K . 9.58 -21.00 -3.68
C A1ITF K . 10.83 -21.62 -3.56
O1 A1ITF K . 6.24 -18.72 -1.72
C9 A1ITF K . 5.96 -14.34 -2.69
C11 A1ITF K . 5.85 -13.09 -3.39
N2 A1ITF K . 5.71 -12.10 -3.92
S DMS L . -17.22 16.48 7.04
O DMS L . -17.33 15.30 7.96
C1 DMS L . -17.50 17.97 8.02
C2 DMS L . -18.77 16.60 6.10
S DMS M . -7.80 33.71 13.60
O DMS M . -6.34 34.07 13.72
C1 DMS M . -7.97 33.12 11.91
C2 DMS M . -8.74 35.24 13.35
C1 EDO N . -2.37 8.56 3.47
O1 EDO N . -2.04 8.15 4.78
C2 EDO N . -2.62 7.36 2.60
O2 EDO N . -3.70 6.59 3.11
#